data_5NXK
#
_entry.id   5NXK
#
_cell.length_a   146.697
_cell.length_b   146.697
_cell.length_c   110.423
_cell.angle_alpha   90.00
_cell.angle_beta   90.00
_cell.angle_gamma   120.00
#
_symmetry.space_group_name_H-M   'P 32 2 1'
#
loop_
_entity.id
_entity.type
_entity.pdbx_description
1 polymer 'Serine-rich secreted cell wall anchored (LPXTG-motif ) protein'
2 water water
#
_entity_poly.entity_id   1
_entity_poly.type   'polypeptide(L)'
_entity_poly.pdbx_seq_one_letter_code
;IEEVSNEEELKAALRDASITTIKLKNNITLNNAITINNGNRNITIIGDGHYINALNSDGGIILNNRGGSAKIDLTIENAT
LYNTSKYGFVNMSSNGVDTVTYKDVTAYGGTLVWSKTGAGVKTLNLVGNTTLNSVKSYEVDGQSCGTEAFSHRTPDGDKT
TALYVSNAINIAENANVVLNNSATDIDMWLLTAVPSTSGISTVTVGNNASLTMENIGNTEYNIKLDGGRENHFIVNENAA
VKMSAKVDNVRIIPQLENIFTRGNIELAKGSNVHLEVITGSNFRVAGTVANRIDFNGTATLIKQEGASGP
;
_entity_poly.pdbx_strand_id   A,B,C
#
# COMPACT_ATOMS: atom_id res chain seq x y z
N ILE A 1 25.71 15.76 13.42
CA ILE A 1 25.26 17.11 13.12
C ILE A 1 24.08 17.47 14.06
N GLU A 2 24.21 17.09 15.34
CA GLU A 2 23.33 17.53 16.44
C GLU A 2 23.58 16.77 17.73
N GLU A 3 24.01 17.49 18.76
CA GLU A 3 24.35 16.90 20.06
C GLU A 3 23.27 17.16 21.13
N VAL A 4 22.92 16.13 21.91
CA VAL A 4 21.86 16.28 22.92
C VAL A 4 22.31 15.74 24.27
N SER A 5 21.87 16.39 25.35
CA SER A 5 22.33 16.01 26.67
C SER A 5 21.19 15.78 27.68
N ASN A 6 19.95 15.96 27.26
CA ASN A 6 18.83 15.74 28.17
C ASN A 6 17.53 15.51 27.44
N GLU A 7 16.45 15.28 28.20
CA GLU A 7 15.17 14.92 27.63
C GLU A 7 14.65 15.97 26.65
N GLU A 8 14.68 17.24 27.06
CA GLU A 8 14.15 18.31 26.21
C GLU A 8 14.95 18.45 24.91
N GLU A 9 16.28 18.33 24.99
CA GLU A 9 17.08 18.43 23.77
C GLU A 9 16.85 17.21 22.86
N LEU A 10 16.73 16.02 23.45
CA LEU A 10 16.48 14.83 22.64
C LEU A 10 15.12 14.94 21.95
N LYS A 11 14.12 15.37 22.72
CA LYS A 11 12.77 15.56 22.22
C LYS A 11 12.77 16.56 21.08
N ALA A 12 13.45 17.68 21.26
CA ALA A 12 13.51 18.71 20.24
C ALA A 12 14.15 18.17 18.97
N ALA A 13 15.25 17.44 19.10
CA ALA A 13 15.96 16.90 17.94
C ALA A 13 15.11 15.86 17.19
N LEU A 14 14.46 14.98 17.94
CA LEU A 14 13.64 13.94 17.34
C LEU A 14 12.38 14.51 16.68
N ARG A 15 11.86 15.62 17.22
CA ARG A 15 10.63 16.17 16.66
C ARG A 15 10.92 17.17 15.55
N ASP A 16 12.21 17.33 15.23
CA ASP A 16 12.61 18.26 14.19
C ASP A 16 12.82 17.48 12.90
N ALA A 17 11.94 17.74 11.94
CA ALA A 17 11.81 16.92 10.73
C ALA A 17 13.03 16.98 9.81
N SER A 18 13.92 17.94 10.05
CA SER A 18 15.13 18.08 9.24
C SER A 18 16.33 17.37 9.88
N ILE A 19 16.16 16.90 11.11
CA ILE A 19 17.26 16.27 11.84
C ILE A 19 17.42 14.80 11.45
N THR A 20 18.63 14.42 11.06
CA THR A 20 18.93 13.05 10.66
C THR A 20 19.93 12.34 11.60
N THR A 21 20.80 13.11 12.26
CA THR A 21 21.82 12.50 13.11
C THR A 21 21.86 13.15 14.49
N ILE A 22 21.87 12.32 15.53
CA ILE A 22 21.82 12.79 16.90
C ILE A 22 22.90 12.08 17.72
N LYS A 23 23.70 12.84 18.46
CA LYS A 23 24.74 12.26 19.30
C LYS A 23 24.44 12.50 20.77
N LEU A 24 24.45 11.44 21.57
CA LEU A 24 24.26 11.58 23.00
C LEU A 24 25.57 12.07 23.63
N LYS A 25 25.48 13.13 24.42
CA LYS A 25 26.65 13.66 25.12
C LYS A 25 26.59 13.28 26.59
N ASN A 26 25.49 12.65 26.97
CA ASN A 26 25.25 12.29 28.36
C ASN A 26 24.14 11.22 28.43
N ASN A 27 24.05 10.54 29.56
CA ASN A 27 22.92 9.65 29.78
C ASN A 27 21.64 10.46 29.88
N ILE A 28 20.56 9.94 29.31
CA ILE A 28 19.32 10.70 29.30
C ILE A 28 18.20 9.91 29.96
N THR A 29 17.48 10.58 30.86
CA THR A 29 16.28 9.98 31.44
C THR A 29 15.03 10.66 30.91
N LEU A 30 14.12 9.86 30.37
CA LEU A 30 12.88 10.36 29.80
C LEU A 30 11.70 10.13 30.75
N ASN A 31 11.12 11.23 31.24
CA ASN A 31 9.92 11.16 32.06
C ASN A 31 8.66 11.10 31.21
N ASN A 32 8.81 11.45 29.94
CA ASN A 32 7.70 11.41 29.01
C ASN A 32 8.07 10.62 27.76
N ALA A 33 7.07 10.09 27.06
CA ALA A 33 7.30 9.50 25.75
C ALA A 33 7.53 10.62 24.73
N ILE A 34 8.37 10.37 23.74
CA ILE A 34 8.59 11.32 22.66
C ILE A 34 7.92 10.79 21.39
N THR A 35 7.02 11.58 20.79
CA THR A 35 6.35 11.12 19.58
C THR A 35 6.98 11.71 18.32
N ILE A 36 7.21 10.84 17.35
CA ILE A 36 7.66 11.21 16.02
C ILE A 36 6.54 10.92 15.04
N ASN A 37 5.97 11.97 14.46
CA ASN A 37 4.83 11.80 13.57
C ASN A 37 4.82 12.86 12.47
N ASN A 38 6.01 13.26 12.05
CA ASN A 38 6.14 14.35 11.10
C ASN A 38 6.67 13.92 9.74
N GLY A 39 6.25 12.74 9.28
CA GLY A 39 6.45 12.31 7.91
C GLY A 39 7.63 11.38 7.69
N ASN A 40 8.22 11.44 6.50
CA ASN A 40 9.40 10.67 6.18
C ASN A 40 10.56 11.11 7.06
N ARG A 41 11.20 10.15 7.73
CA ARG A 41 12.31 10.46 8.62
C ARG A 41 13.39 9.39 8.47
N ASN A 42 14.62 9.86 8.45
CA ASN A 42 15.79 9.00 8.51
C ASN A 42 16.65 9.45 9.69
N ILE A 43 16.60 8.70 10.79
CA ILE A 43 17.19 9.17 12.05
C ILE A 43 18.21 8.18 12.60
N THR A 44 19.38 8.71 12.95
CA THR A 44 20.41 7.90 13.59
C THR A 44 20.80 8.50 14.93
N ILE A 45 20.65 7.72 15.99
CA ILE A 45 21.12 8.13 17.29
C ILE A 45 22.44 7.48 17.59
N ILE A 46 23.49 8.30 17.69
CA ILE A 46 24.81 7.81 18.05
C ILE A 46 24.96 7.86 19.57
N GLY A 47 25.03 6.69 20.19
CA GLY A 47 24.94 6.62 21.64
C GLY A 47 26.20 7.01 22.38
N ASP A 48 27.35 6.79 21.75
CA ASP A 48 28.65 6.95 22.39
C ASP A 48 28.73 6.31 23.79
N GLY A 49 28.10 5.14 23.95
CA GLY A 49 28.19 4.40 25.20
C GLY A 49 27.21 4.87 26.26
N HIS A 50 26.39 5.88 25.95
CA HIS A 50 25.46 6.40 26.94
C HIS A 50 24.17 5.60 27.01
N TYR A 51 23.35 5.87 28.02
CA TYR A 51 22.06 5.20 28.07
C TYR A 51 20.91 6.18 27.89
N ILE A 52 19.76 5.66 27.50
CA ILE A 52 18.51 6.39 27.55
C ILE A 52 17.53 5.56 28.37
N ASN A 53 16.96 6.17 29.40
CA ASN A 53 16.06 5.45 30.28
C ASN A 53 14.63 5.99 30.19
N ALA A 54 13.76 5.23 29.52
CA ALA A 54 12.38 5.65 29.29
C ALA A 54 11.51 5.20 30.46
N LEU A 55 11.22 6.13 31.36
CA LEU A 55 10.55 5.80 32.62
C LEU A 55 9.04 5.78 32.50
N ASN A 56 8.51 6.41 31.45
CA ASN A 56 7.08 6.55 31.32
C ASN A 56 6.38 5.33 30.71
N SER A 57 5.37 4.83 31.41
CA SER A 57 4.53 3.71 30.94
C SER A 57 3.90 4.01 29.57
N ASP A 58 3.83 5.28 29.22
CA ASP A 58 3.34 5.70 27.91
C ASP A 58 4.25 5.23 26.78
N GLY A 59 5.54 5.12 27.08
CA GLY A 59 6.51 4.71 26.08
C GLY A 59 7.81 5.50 26.15
N GLY A 60 8.76 5.17 25.27
CA GLY A 60 10.02 5.90 25.17
C GLY A 60 9.99 6.74 23.91
N ILE A 61 10.24 6.11 22.78
CA ILE A 61 10.04 6.75 21.49
C ILE A 61 8.82 6.12 20.82
N ILE A 62 7.87 6.96 20.40
CA ILE A 62 6.71 6.48 19.69
C ILE A 62 6.71 6.97 18.25
N LEU A 63 6.78 6.03 17.31
CA LEU A 63 6.66 6.33 15.88
C LEU A 63 5.17 6.31 15.59
N ASN A 64 4.64 7.41 15.05
CA ASN A 64 3.20 7.52 14.93
C ASN A 64 2.72 8.34 13.73
N ASN A 65 3.36 8.16 12.57
CA ASN A 65 2.88 8.79 11.35
C ASN A 65 1.45 8.35 11.08
N ARG A 66 0.63 9.29 10.62
CA ARG A 66 -0.77 8.97 10.37
C ARG A 66 -0.96 8.55 8.92
N GLY A 67 -0.09 9.06 8.05
CA GLY A 67 -0.14 8.77 6.64
C GLY A 67 0.49 7.43 6.27
N GLY A 68 -0.24 6.66 5.47
CA GLY A 68 0.23 5.38 4.96
C GLY A 68 1.53 5.35 4.17
N SER A 69 1.88 6.45 3.51
CA SER A 69 3.06 6.41 2.65
C SER A 69 4.32 7.02 3.28
N ALA A 70 4.21 7.56 4.48
CA ALA A 70 5.38 8.07 5.19
C ALA A 70 6.17 6.90 5.77
N LYS A 71 7.49 6.99 5.70
CA LYS A 71 8.38 5.94 6.20
C LYS A 71 9.35 6.47 7.25
N ILE A 72 9.41 5.82 8.41
CA ILE A 72 10.44 6.20 9.40
C ILE A 72 11.49 5.12 9.54
N ASP A 73 12.73 5.51 9.34
CA ASP A 73 13.87 4.64 9.58
C ASP A 73 14.62 5.20 10.79
N LEU A 74 14.61 4.46 11.90
CA LEU A 74 15.27 4.89 13.16
C LEU A 74 16.41 3.95 13.49
N THR A 75 17.62 4.47 13.58
CA THR A 75 18.78 3.67 13.97
C THR A 75 19.34 4.16 15.31
N ILE A 76 19.58 3.23 16.24
CA ILE A 76 20.26 3.55 17.49
C ILE A 76 21.54 2.71 17.59
N GLU A 77 22.68 3.38 17.79
CA GLU A 77 23.97 2.68 17.83
C GLU A 77 24.66 2.91 19.16
N ASN A 78 25.30 1.85 19.67
CA ASN A 78 26.24 1.97 20.78
C ASN A 78 25.60 2.64 21.99
N ALA A 79 24.50 2.08 22.44
CA ALA A 79 23.77 2.65 23.56
C ALA A 79 23.13 1.57 24.41
N THR A 80 22.79 1.94 25.63
CA THR A 80 22.01 1.08 26.48
C THR A 80 20.61 1.65 26.57
N LEU A 81 19.60 0.82 26.36
CA LEU A 81 18.24 1.34 26.37
C LEU A 81 17.41 0.67 27.46
N TYR A 82 16.75 1.48 28.29
CA TYR A 82 15.88 0.95 29.33
C TYR A 82 14.46 1.41 29.10
N ASN A 83 13.48 0.56 29.41
CA ASN A 83 12.10 1.01 29.36
C ASN A 83 11.21 0.22 30.30
N THR A 84 10.19 0.89 30.83
CA THR A 84 9.22 0.22 31.69
C THR A 84 7.93 -0.05 30.95
N SER A 85 7.72 0.66 29.84
CA SER A 85 6.48 0.58 29.09
C SER A 85 6.26 -0.79 28.49
N LYS A 86 5.02 -1.27 28.57
CA LYS A 86 4.67 -2.49 27.91
C LYS A 86 4.69 -2.31 26.39
N TYR A 87 4.78 -1.05 25.94
CA TYR A 87 4.85 -0.75 24.50
C TYR A 87 6.28 -0.48 24.01
N GLY A 88 7.27 -0.92 24.78
CA GLY A 88 8.65 -0.96 24.32
C GLY A 88 9.39 0.35 24.45
N PHE A 89 10.71 0.30 24.30
CA PHE A 89 11.50 1.52 24.17
C PHE A 89 11.08 2.24 22.93
N VAL A 90 10.99 1.49 21.83
CA VAL A 90 10.36 2.00 20.62
C VAL A 90 9.01 1.32 20.37
N ASN A 91 8.04 2.18 20.12
CA ASN A 91 6.68 1.79 19.81
C ASN A 91 6.44 2.17 18.37
N MET A 92 6.37 1.15 17.52
CA MET A 92 6.29 1.30 16.07
C MET A 92 4.82 1.40 15.70
N SER A 93 4.26 2.58 15.89
CA SER A 93 2.82 2.76 15.74
C SER A 93 2.40 3.59 14.51
N SER A 94 3.29 3.75 13.54
CA SER A 94 2.86 4.44 12.31
C SER A 94 1.86 3.62 11.53
N ASN A 95 1.01 4.29 10.76
CA ASN A 95 0.13 3.58 9.86
C ASN A 95 0.92 2.99 8.67
N GLY A 96 2.03 3.60 8.33
CA GLY A 96 2.87 3.12 7.23
C GLY A 96 4.08 2.35 7.72
N VAL A 97 5.19 2.48 7.00
CA VAL A 97 6.40 1.70 7.26
C VAL A 97 7.26 2.30 8.38
N ASP A 98 7.57 1.47 9.39
CA ASP A 98 8.55 1.78 10.43
C ASP A 98 9.64 0.73 10.40
N THR A 99 10.89 1.16 10.40
CA THR A 99 12.03 0.27 10.48
C THR A 99 12.92 0.76 11.61
N VAL A 100 13.26 -0.14 12.55
CA VAL A 100 14.12 0.17 13.68
C VAL A 100 15.36 -0.71 13.59
N THR A 101 16.52 -0.09 13.77
CA THR A 101 17.77 -0.81 13.75
C THR A 101 18.53 -0.56 15.05
N TYR A 102 18.86 -1.63 15.74
CA TYR A 102 19.72 -1.57 16.92
C TYR A 102 21.09 -2.09 16.54
N LYS A 103 22.11 -1.26 16.66
CA LYS A 103 23.46 -1.70 16.38
C LYS A 103 24.36 -1.53 17.61
N ASP A 104 24.97 -2.62 18.06
CA ASP A 104 25.78 -2.59 19.29
C ASP A 104 24.99 -1.99 20.45
N VAL A 105 23.77 -2.48 20.59
CA VAL A 105 22.88 -1.99 21.64
C VAL A 105 22.76 -3.02 22.75
N THR A 106 22.66 -2.54 23.99
CA THR A 106 22.28 -3.36 25.11
C THR A 106 20.94 -2.84 25.61
N ALA A 107 19.94 -3.71 25.81
CA ALA A 107 18.62 -3.21 26.19
C ALA A 107 18.02 -3.96 27.38
N TYR A 108 17.26 -3.22 28.18
CA TYR A 108 16.56 -3.81 29.31
C TYR A 108 15.12 -3.33 29.27
N GLY A 109 14.18 -4.26 29.46
CA GLY A 109 12.77 -3.89 29.48
C GLY A 109 11.95 -5.13 29.71
N GLY A 110 10.63 -4.98 29.84
CA GLY A 110 9.75 -6.14 29.88
C GLY A 110 9.48 -6.52 28.44
N THR A 111 8.67 -5.69 27.79
CA THR A 111 8.58 -5.71 26.33
C THR A 111 9.51 -4.61 25.81
N LEU A 112 10.48 -4.97 24.97
CA LEU A 112 11.53 -4.00 24.58
C LEU A 112 11.19 -3.21 23.31
N VAL A 113 10.44 -3.83 22.42
CA VAL A 113 10.01 -3.18 21.18
C VAL A 113 8.60 -3.65 20.87
N TRP A 114 7.73 -2.72 20.47
CA TRP A 114 6.34 -3.10 20.22
C TRP A 114 5.91 -2.45 18.89
N SER A 115 4.91 -3.00 18.23
CA SER A 115 4.46 -2.46 16.96
C SER A 115 2.98 -2.68 16.73
N LYS A 116 2.39 -1.85 15.88
CA LYS A 116 1.06 -2.09 15.34
C LYS A 116 1.14 -3.28 14.39
N THR A 117 0.18 -4.19 14.48
CA THR A 117 0.22 -5.40 13.70
C THR A 117 -0.79 -5.38 12.53
N GLY A 118 -1.54 -4.28 12.41
CA GLY A 118 -2.55 -4.20 11.36
C GLY A 118 -2.34 -3.04 10.40
N ALA A 119 -1.08 -2.71 10.17
CA ALA A 119 -0.72 -1.57 9.33
C ALA A 119 0.47 -1.86 8.43
N GLY A 120 1.33 -0.87 8.26
CA GLY A 120 2.47 -1.00 7.36
C GLY A 120 3.56 -1.92 7.88
N VAL A 121 4.55 -2.17 7.04
CA VAL A 121 5.62 -3.13 7.36
C VAL A 121 6.45 -2.66 8.53
N LYS A 122 6.53 -3.51 9.57
CA LYS A 122 7.32 -3.23 10.77
C LYS A 122 8.53 -4.15 10.85
N THR A 123 9.71 -3.53 10.85
CA THR A 123 10.97 -4.25 10.81
C THR A 123 11.91 -3.83 11.94
N LEU A 124 12.49 -4.83 12.61
CA LEU A 124 13.55 -4.60 13.59
C LEU A 124 14.83 -5.27 13.11
N ASN A 125 15.86 -4.47 12.87
CA ASN A 125 17.15 -5.04 12.49
C ASN A 125 18.07 -5.04 13.71
N LEU A 126 18.76 -6.15 13.93
CA LEU A 126 19.64 -6.29 15.07
C LEU A 126 21.05 -6.51 14.53
N VAL A 127 21.95 -5.58 14.84
CA VAL A 127 23.23 -5.50 14.14
C VAL A 127 24.40 -5.50 15.14
N GLY A 128 25.55 -6.02 14.73
CA GLY A 128 26.74 -6.08 15.56
C GLY A 128 26.51 -6.91 16.82
N ASN A 129 27.12 -6.48 17.92
CA ASN A 129 27.03 -7.21 19.17
C ASN A 129 25.91 -6.63 20.01
N THR A 130 24.73 -7.22 19.86
CA THR A 130 23.54 -6.65 20.49
C THR A 130 22.93 -7.65 21.47
N THR A 131 22.65 -7.16 22.67
CA THR A 131 22.11 -7.97 23.74
C THR A 131 20.83 -7.34 24.25
N LEU A 132 19.77 -8.14 24.22
CA LEU A 132 18.45 -7.70 24.64
C LEU A 132 18.03 -8.44 25.89
N ASN A 133 17.59 -7.72 26.92
CA ASN A 133 17.23 -8.36 28.18
C ASN A 133 15.79 -8.10 28.58
N SER A 134 14.97 -9.13 28.58
CA SER A 134 13.61 -9.01 29.08
C SER A 134 13.62 -9.33 30.57
N VAL A 135 13.40 -8.30 31.38
CA VAL A 135 13.54 -8.39 32.84
C VAL A 135 12.30 -7.82 33.55
N LYS A 136 12.10 -8.22 34.80
CA LYS A 136 10.95 -7.77 35.56
C LYS A 136 11.22 -6.42 36.20
N SER A 137 12.50 -6.11 36.32
CA SER A 137 12.92 -4.82 36.81
C SER A 137 14.37 -4.57 36.43
N TYR A 138 14.80 -3.32 36.54
CA TYR A 138 16.20 -2.99 36.31
C TYR A 138 16.62 -1.87 37.24
N GLU A 139 17.92 -1.67 37.38
CA GLU A 139 18.40 -0.59 38.22
C GLU A 139 19.46 0.21 37.46
N VAL A 140 19.29 1.51 37.43
CA VAL A 140 20.32 2.35 36.81
C VAL A 140 20.55 3.59 37.67
N ASP A 141 21.82 3.91 37.90
CA ASP A 141 22.23 4.98 38.82
C ASP A 141 21.39 5.02 40.08
N GLY A 142 21.35 3.88 40.76
CA GLY A 142 20.66 3.72 42.03
C GLY A 142 19.16 3.69 42.02
N GLN A 143 18.53 3.82 40.85
CA GLN A 143 17.07 3.77 40.87
C GLN A 143 16.56 2.46 40.27
N SER A 144 15.73 1.76 41.03
CA SER A 144 15.10 0.53 40.56
C SER A 144 13.74 0.82 39.91
N CYS A 145 13.50 0.20 38.76
CA CYS A 145 12.25 0.38 38.03
C CYS A 145 11.62 -0.96 37.69
N GLY A 146 10.34 -1.11 38.01
CA GLY A 146 9.58 -2.29 37.60
C GLY A 146 9.15 -2.13 36.16
N THR A 147 9.13 -3.23 35.40
CA THR A 147 8.72 -3.18 34.00
C THR A 147 7.30 -3.70 33.86
N GLU A 148 6.65 -3.36 32.74
CA GLU A 148 5.42 -4.02 32.36
C GLU A 148 5.65 -4.75 31.04
N ALA A 149 4.86 -5.76 30.79
CA ALA A 149 5.05 -6.54 29.58
C ALA A 149 3.75 -6.55 28.81
N PHE A 150 3.85 -6.43 27.49
CA PHE A 150 2.69 -6.56 26.64
C PHE A 150 2.17 -7.98 26.64
N SER A 151 0.86 -8.12 26.79
CA SER A 151 0.20 -9.42 26.82
C SER A 151 -0.86 -9.49 25.72
N HIS A 152 -1.03 -10.67 25.14
CA HIS A 152 -2.00 -10.82 24.06
C HIS A 152 -2.57 -12.24 24.07
N ARG A 153 -3.82 -12.37 23.66
CA ARG A 153 -4.50 -13.67 23.72
C ARG A 153 -3.93 -14.66 22.70
N THR A 154 -3.94 -15.95 23.06
CA THR A 154 -3.65 -17.04 22.15
C THR A 154 -4.63 -18.17 22.47
N PRO A 155 -4.74 -19.18 21.57
CA PRO A 155 -5.58 -20.33 21.93
C PRO A 155 -5.14 -21.08 23.19
N ASP A 156 -3.93 -20.84 23.67
CA ASP A 156 -3.47 -21.45 24.92
C ASP A 156 -3.37 -20.45 26.06
N GLY A 157 -4.20 -19.42 26.02
CA GLY A 157 -4.19 -18.43 27.09
C GLY A 157 -3.33 -17.23 26.71
N ASP A 158 -3.38 -16.20 27.54
CA ASP A 158 -2.65 -14.95 27.29
C ASP A 158 -1.16 -15.19 27.42
N LYS A 159 -0.37 -14.60 26.53
CA LYS A 159 1.08 -14.72 26.61
C LYS A 159 1.70 -13.34 26.54
N THR A 160 2.81 -13.16 27.23
CA THR A 160 3.59 -11.92 27.16
C THR A 160 4.80 -12.17 26.28
N THR A 161 5.40 -11.09 25.80
CA THR A 161 6.54 -11.25 24.90
C THR A 161 7.56 -10.14 25.09
N ALA A 162 8.83 -10.47 24.81
CA ALA A 162 9.91 -9.48 24.86
C ALA A 162 9.93 -8.57 23.64
N LEU A 163 9.54 -9.11 22.49
CA LEU A 163 9.57 -8.36 21.24
C LEU A 163 8.28 -8.63 20.46
N TYR A 164 7.53 -7.58 20.17
CA TYR A 164 6.27 -7.73 19.44
C TYR A 164 6.38 -6.90 18.17
N VAL A 165 7.02 -7.49 17.18
CA VAL A 165 7.38 -6.80 15.95
C VAL A 165 6.64 -7.50 14.82
N SER A 166 5.77 -6.75 14.14
CA SER A 166 4.79 -7.41 13.30
C SER A 166 5.40 -8.26 12.17
N ASN A 167 6.36 -7.70 11.43
CA ASN A 167 6.73 -8.33 10.16
C ASN A 167 8.11 -8.92 10.01
N ALA A 168 9.13 -8.27 10.58
CA ALA A 168 10.46 -8.84 10.41
C ALA A 168 11.42 -8.53 11.54
N ILE A 169 12.14 -9.55 11.99
CA ILE A 169 13.30 -9.30 12.84
C ILE A 169 14.50 -9.92 12.12
N ASN A 170 15.47 -9.09 11.77
CA ASN A 170 16.61 -9.55 11.00
C ASN A 170 17.87 -9.45 11.83
N ILE A 171 18.55 -10.56 12.04
CA ILE A 171 19.86 -10.55 12.66
C ILE A 171 20.86 -10.38 11.54
N ALA A 172 21.57 -9.26 11.54
CA ALA A 172 22.41 -8.91 10.39
C ALA A 172 23.55 -9.90 10.22
N GLU A 173 24.07 -10.00 9.00
CA GLU A 173 25.28 -10.78 8.79
C GLU A 173 26.38 -10.32 9.74
N ASN A 174 27.13 -11.29 10.25
CA ASN A 174 28.22 -11.09 11.20
C ASN A 174 27.80 -10.60 12.57
N ALA A 175 26.51 -10.45 12.81
CA ALA A 175 26.08 -10.00 14.13
C ALA A 175 26.20 -11.11 15.18
N ASN A 176 26.29 -10.69 16.44
CA ASN A 176 26.24 -11.57 17.58
C ASN A 176 25.13 -11.06 18.51
N VAL A 177 23.97 -11.67 18.37
CA VAL A 177 22.79 -11.23 19.08
C VAL A 177 22.43 -12.22 20.15
N VAL A 178 22.19 -11.71 21.34
CA VAL A 178 21.83 -12.51 22.50
C VAL A 178 20.53 -11.96 23.07
N LEU A 179 19.58 -12.83 23.38
CA LEU A 179 18.38 -12.37 24.07
C LEU A 179 18.22 -13.20 25.33
N ASN A 180 18.22 -12.50 26.46
CA ASN A 180 18.08 -13.10 27.78
C ASN A 180 16.70 -12.80 28.32
N ASN A 181 15.93 -13.83 28.64
CA ASN A 181 14.56 -13.59 29.06
C ASN A 181 14.28 -14.17 30.43
N SER A 182 13.99 -13.30 31.39
CA SER A 182 13.58 -13.74 32.70
C SER A 182 12.28 -13.06 33.10
N ALA A 183 11.48 -12.67 32.10
CA ALA A 183 10.32 -11.82 32.38
C ALA A 183 9.08 -12.17 31.57
N THR A 184 9.26 -12.66 30.35
CA THR A 184 8.10 -12.84 29.47
C THR A 184 8.02 -14.25 28.88
N ASP A 185 6.83 -14.60 28.37
CA ASP A 185 6.58 -15.97 27.90
C ASP A 185 7.22 -16.24 26.55
N ILE A 186 7.42 -15.19 25.76
CA ILE A 186 7.86 -15.36 24.38
C ILE A 186 9.05 -14.42 24.11
N ASP A 187 10.09 -14.90 23.44
CA ASP A 187 11.24 -14.05 23.13
C ASP A 187 10.94 -13.13 21.93
N MET A 188 10.39 -13.70 20.86
CA MET A 188 10.06 -12.92 19.66
C MET A 188 8.67 -13.31 19.19
N TRP A 189 7.74 -12.35 19.18
CA TRP A 189 6.40 -12.61 18.72
C TRP A 189 6.12 -11.73 17.52
N LEU A 190 6.00 -12.33 16.34
CA LEU A 190 5.72 -11.60 15.12
C LEU A 190 4.34 -12.00 14.65
N LEU A 191 3.43 -11.04 14.67
CA LEU A 191 2.02 -11.28 14.37
C LEU A 191 1.52 -10.25 13.35
N THR A 192 0.70 -10.68 12.40
CA THR A 192 -0.02 -9.72 11.58
C THR A 192 -1.52 -9.92 11.81
N ALA A 193 -2.28 -8.86 11.66
CA ALA A 193 -3.71 -8.91 11.85
C ALA A 193 -4.33 -8.55 10.51
N VAL A 194 -5.63 -8.75 10.39
CA VAL A 194 -6.33 -8.61 9.11
C VAL A 194 -6.00 -7.35 8.33
N PRO A 195 -5.93 -6.17 8.99
CA PRO A 195 -5.67 -5.06 8.06
C PRO A 195 -4.19 -4.80 7.72
N SER A 196 -3.29 -5.73 8.07
CA SER A 196 -1.87 -5.61 7.73
C SER A 196 -1.66 -5.41 6.23
N THR A 197 -0.70 -4.58 5.85
CA THR A 197 -0.45 -4.40 4.44
C THR A 197 0.25 -5.61 3.82
N SER A 198 0.93 -6.44 4.63
CA SER A 198 1.68 -7.56 4.04
C SER A 198 1.30 -8.95 4.52
N GLY A 199 0.93 -9.10 5.80
CA GLY A 199 0.59 -10.41 6.32
C GLY A 199 1.77 -11.38 6.37
N ILE A 200 2.98 -10.83 6.37
CA ILE A 200 4.20 -11.62 6.38
C ILE A 200 4.95 -11.44 7.70
N SER A 201 5.34 -12.54 8.33
CA SER A 201 6.14 -12.48 9.56
C SER A 201 7.41 -13.31 9.38
N THR A 202 8.56 -12.67 9.55
CA THR A 202 9.85 -13.29 9.21
C THR A 202 10.95 -12.99 10.21
N VAL A 203 11.66 -14.03 10.64
CA VAL A 203 12.93 -13.87 11.36
C VAL A 203 14.06 -14.37 10.49
N THR A 204 15.09 -13.56 10.28
CA THR A 204 16.25 -14.05 9.52
C THR A 204 17.50 -13.98 10.37
N VAL A 205 18.41 -14.91 10.17
CA VAL A 205 19.73 -14.84 10.79
C VAL A 205 20.75 -14.80 9.65
N GLY A 206 21.50 -13.71 9.54
CA GLY A 206 22.33 -13.48 8.36
C GLY A 206 23.59 -14.34 8.28
N ASN A 207 24.28 -14.30 7.13
CA ASN A 207 25.54 -15.02 6.98
C ASN A 207 26.50 -14.78 8.12
N ASN A 208 27.08 -15.86 8.64
CA ASN A 208 28.10 -15.77 9.69
C ASN A 208 27.65 -15.05 10.94
N ALA A 209 26.33 -14.96 11.15
CA ALA A 209 25.82 -14.32 12.34
C ALA A 209 25.54 -15.36 13.43
N SER A 210 25.36 -14.89 14.66
CA SER A 210 24.96 -15.79 15.72
C SER A 210 23.73 -15.22 16.43
N LEU A 211 22.82 -16.12 16.77
CA LEU A 211 21.63 -15.77 17.53
C LEU A 211 21.55 -16.74 18.69
N THR A 212 21.56 -16.20 19.91
CA THR A 212 21.50 -17.03 21.10
C THR A 212 20.32 -16.61 21.97
N MET A 213 19.40 -17.53 22.20
CA MET A 213 18.23 -17.32 23.05
C MET A 213 18.03 -18.55 23.92
N GLU A 214 18.89 -18.68 24.92
CA GLU A 214 18.90 -19.85 25.79
C GLU A 214 18.09 -19.54 27.03
N ASN A 215 16.78 -19.74 26.93
CA ASN A 215 15.85 -19.23 27.92
C ASN A 215 14.93 -20.30 28.46
N ILE A 216 15.46 -21.53 28.50
CA ILE A 216 14.69 -22.69 28.91
C ILE A 216 14.22 -22.58 30.37
N GLY A 217 14.89 -21.76 31.17
CA GLY A 217 14.44 -21.51 32.54
C GLY A 217 13.20 -20.63 32.64
N ASN A 218 12.80 -20.01 31.54
CA ASN A 218 11.80 -18.95 31.60
C ASN A 218 10.78 -18.95 30.47
N THR A 219 11.29 -19.00 29.25
CA THR A 219 10.49 -18.73 28.05
C THR A 219 9.68 -19.96 27.61
N GLU A 220 8.44 -19.75 27.22
CA GLU A 220 7.64 -20.85 26.67
C GLU A 220 7.93 -21.08 25.19
N TYR A 221 7.94 -20.02 24.38
CA TYR A 221 8.30 -20.14 22.96
C TYR A 221 9.38 -19.12 22.63
N ASN A 222 10.46 -19.55 21.97
CA ASN A 222 11.47 -18.57 21.56
C ASN A 222 10.92 -17.64 20.47
N ILE A 223 10.34 -18.24 19.43
CA ILE A 223 9.83 -17.50 18.30
C ILE A 223 8.40 -17.93 17.99
N LYS A 224 7.48 -16.97 18.02
CA LYS A 224 6.13 -17.27 17.65
C LYS A 224 5.78 -16.47 16.41
N LEU A 225 5.40 -17.18 15.34
CA LEU A 225 5.16 -16.57 14.05
C LEU A 225 3.65 -16.66 13.75
N ASP A 226 3.00 -15.51 13.59
CA ASP A 226 1.56 -15.45 13.36
C ASP A 226 1.22 -14.54 12.17
N GLY A 227 1.99 -14.68 11.09
CA GLY A 227 1.71 -14.02 9.82
C GLY A 227 0.45 -14.55 9.14
N GLY A 228 -0.39 -13.65 8.63
CA GLY A 228 -1.62 -14.08 7.97
C GLY A 228 -1.42 -14.82 6.65
N ARG A 229 -0.35 -14.54 5.93
CA ARG A 229 -0.08 -15.24 4.66
C ARG A 229 1.26 -16.00 4.65
N GLU A 230 2.30 -15.48 5.31
CA GLU A 230 3.59 -16.16 5.32
C GLU A 230 4.26 -16.07 6.69
N ASN A 231 4.99 -17.12 7.04
CA ASN A 231 5.78 -17.18 8.27
C ASN A 231 7.15 -17.76 7.93
N HIS A 232 8.22 -17.06 8.24
CA HIS A 232 9.55 -17.55 7.84
C HIS A 232 10.54 -17.56 8.99
N PHE A 233 11.36 -18.60 9.06
CA PHE A 233 12.55 -18.57 9.90
C PHE A 233 13.71 -19.01 9.02
N ILE A 234 14.59 -18.07 8.71
CA ILE A 234 15.65 -18.31 7.73
C ILE A 234 17.00 -18.17 8.40
N VAL A 235 17.78 -19.24 8.38
CA VAL A 235 19.13 -19.25 8.94
C VAL A 235 20.11 -19.40 7.78
N ASN A 236 20.89 -18.35 7.52
CA ASN A 236 21.75 -18.33 6.33
C ASN A 236 23.08 -19.07 6.52
N GLU A 237 23.89 -19.11 5.45
CA GLU A 237 25.14 -19.87 5.48
C GLU A 237 26.05 -19.50 6.63
N ASN A 238 26.58 -20.53 7.27
CA ASN A 238 27.53 -20.40 8.38
C ASN A 238 27.01 -19.68 9.61
N ALA A 239 25.71 -19.43 9.67
CA ALA A 239 25.16 -18.86 10.89
C ALA A 239 25.15 -19.88 12.02
N ALA A 240 25.22 -19.39 13.26
CA ALA A 240 25.17 -20.20 14.46
C ALA A 240 23.96 -19.80 15.29
N VAL A 241 23.07 -20.75 15.54
CA VAL A 241 21.85 -20.51 16.28
C VAL A 241 21.76 -21.43 17.48
N LYS A 242 21.52 -20.87 18.66
CA LYS A 242 21.33 -21.69 19.85
C LYS A 242 20.12 -21.19 20.59
N MET A 243 19.09 -22.01 20.71
CA MET A 243 17.90 -21.59 21.43
C MET A 243 17.35 -22.69 22.33
N SER A 244 16.76 -22.27 23.45
CA SER A 244 16.06 -23.20 24.30
C SER A 244 14.85 -22.51 24.95
N ALA A 245 13.79 -23.27 25.16
CA ALA A 245 12.55 -22.76 25.73
C ALA A 245 11.81 -23.91 26.39
N LYS A 246 10.82 -23.64 27.22
CA LYS A 246 10.11 -24.72 27.90
C LYS A 246 9.28 -25.55 26.90
N VAL A 247 8.57 -24.86 26.00
CA VAL A 247 7.59 -25.56 25.16
C VAL A 247 8.06 -25.77 23.73
N ASP A 248 8.15 -24.70 22.94
CA ASP A 248 8.58 -24.81 21.53
C ASP A 248 9.68 -23.80 21.23
N ASN A 249 10.57 -24.10 20.29
CA ASN A 249 11.54 -23.08 19.88
C ASN A 249 10.92 -22.15 18.82
N VAL A 250 10.26 -22.74 17.82
CA VAL A 250 9.51 -21.95 16.84
C VAL A 250 8.09 -22.48 16.77
N ARG A 251 7.14 -21.57 16.91
CA ARG A 251 5.74 -21.96 16.90
C ARG A 251 4.97 -21.29 15.77
N ILE A 252 4.38 -22.10 14.89
CA ILE A 252 3.52 -21.58 13.83
C ILE A 252 2.17 -22.24 13.93
N ILE A 253 1.28 -21.62 14.68
CA ILE A 253 -0.07 -22.10 14.90
C ILE A 253 -1.02 -20.90 14.75
N PRO A 254 -1.99 -20.99 13.83
CA PRO A 254 -2.87 -19.82 13.60
C PRO A 254 -3.63 -19.41 14.86
N GLN A 255 -3.80 -18.10 15.05
CA GLN A 255 -4.48 -17.54 16.21
C GLN A 255 -5.98 -17.83 16.19
N LEU A 256 -6.53 -18.04 15.00
CA LEU A 256 -7.97 -18.23 14.77
C LEU A 256 -8.21 -19.30 13.70
N GLU A 257 -9.44 -19.81 13.65
CA GLU A 257 -9.85 -20.85 12.69
C GLU A 257 -9.94 -20.40 11.23
N ASN A 258 -10.11 -19.09 10.98
CA ASN A 258 -10.26 -18.64 9.60
C ASN A 258 -8.96 -18.17 8.97
N ILE A 259 -7.83 -18.68 9.47
CA ILE A 259 -6.53 -18.26 8.94
C ILE A 259 -5.86 -19.41 8.19
N PHE A 260 -5.63 -19.17 6.90
CA PHE A 260 -4.99 -20.13 6.02
C PHE A 260 -3.65 -19.54 5.58
N THR A 261 -2.57 -20.04 6.15
CA THR A 261 -1.28 -19.40 6.02
C THR A 261 -0.17 -20.36 5.59
N ARG A 262 1.05 -19.86 5.52
CA ARG A 262 2.19 -20.65 5.04
C ARG A 262 3.31 -20.56 6.08
N GLY A 263 4.16 -21.58 6.13
CA GLY A 263 5.35 -21.54 6.97
C GLY A 263 6.52 -22.09 6.18
N ASN A 264 7.68 -21.45 6.34
CA ASN A 264 8.88 -21.91 5.67
C ASN A 264 10.07 -21.68 6.61
N ILE A 265 10.75 -22.78 6.93
CA ILE A 265 11.95 -22.72 7.73
C ILE A 265 13.10 -23.26 6.89
N GLU A 266 14.16 -22.46 6.77
CA GLU A 266 15.27 -22.82 5.90
C GLU A 266 16.56 -22.71 6.68
N LEU A 267 17.31 -23.81 6.76
CA LEU A 267 18.56 -23.85 7.50
C LEU A 267 19.67 -24.11 6.48
N ALA A 268 20.47 -23.09 6.19
CA ALA A 268 21.36 -23.14 5.04
C ALA A 268 22.61 -23.99 5.28
N LYS A 269 23.24 -24.43 4.19
CA LYS A 269 24.51 -25.16 4.31
C LYS A 269 25.52 -24.35 5.13
N GLY A 270 26.28 -25.05 5.97
CA GLY A 270 27.26 -24.44 6.84
C GLY A 270 26.69 -23.93 8.15
N SER A 271 25.37 -23.74 8.23
CA SER A 271 24.78 -23.30 9.49
C SER A 271 24.84 -24.38 10.57
N ASN A 272 24.81 -23.95 11.83
CA ASN A 272 24.83 -24.84 12.96
C ASN A 272 23.73 -24.41 13.92
N VAL A 273 22.70 -25.23 14.01
CA VAL A 273 21.51 -24.88 14.77
C VAL A 273 21.33 -25.89 15.91
N HIS A 274 21.24 -25.40 17.13
CA HIS A 274 21.05 -26.25 18.29
C HIS A 274 19.83 -25.78 19.06
N LEU A 275 18.85 -26.67 19.19
CA LEU A 275 17.55 -26.30 19.73
C LEU A 275 17.16 -27.26 20.82
N GLU A 276 16.59 -26.75 21.90
CA GLU A 276 16.20 -27.60 23.02
C GLU A 276 14.87 -27.14 23.61
N VAL A 277 13.96 -28.09 23.88
CA VAL A 277 12.71 -27.78 24.59
C VAL A 277 12.46 -28.82 25.69
N ILE A 278 11.41 -28.62 26.48
CA ILE A 278 11.08 -29.58 27.53
C ILE A 278 9.80 -30.34 27.18
N THR A 279 8.68 -29.64 26.95
CA THR A 279 7.40 -30.32 26.83
C THR A 279 6.76 -30.26 25.44
N GLY A 280 7.27 -29.43 24.54
CA GLY A 280 6.65 -29.32 23.23
C GLY A 280 7.49 -29.86 22.07
N SER A 281 7.59 -29.09 21.00
CA SER A 281 8.34 -29.53 19.82
C SER A 281 9.30 -28.40 19.47
N ASN A 282 10.48 -28.73 18.97
CA ASN A 282 11.42 -27.68 18.58
C ASN A 282 10.82 -26.78 17.49
N PHE A 283 10.31 -27.40 16.43
CA PHE A 283 9.54 -26.65 15.42
C PHE A 283 8.10 -27.15 15.54
N ARG A 284 7.22 -26.30 16.06
CA ARG A 284 5.84 -26.69 16.31
C ARG A 284 4.95 -26.05 15.28
N VAL A 285 4.41 -26.84 14.37
CA VAL A 285 3.52 -26.31 13.35
C VAL A 285 2.22 -27.10 13.33
N ALA A 286 1.08 -26.43 13.46
CA ALA A 286 -0.19 -27.15 13.52
C ALA A 286 -1.31 -26.26 12.99
N GLY A 287 -2.42 -26.87 12.59
CA GLY A 287 -3.52 -26.13 12.01
C GLY A 287 -3.34 -25.95 10.51
N THR A 288 -4.10 -25.02 9.92
CA THR A 288 -4.07 -24.85 8.47
C THR A 288 -2.91 -23.96 8.01
N VAL A 289 -1.71 -24.53 8.14
CA VAL A 289 -0.45 -23.93 7.70
C VAL A 289 0.15 -24.88 6.66
N ALA A 290 0.44 -24.38 5.46
CA ALA A 290 1.23 -25.17 4.51
C ALA A 290 2.68 -24.91 4.85
N ASN A 291 3.36 -25.93 5.35
CA ASN A 291 4.68 -25.73 5.93
C ASN A 291 5.76 -26.53 5.22
N ARG A 292 6.96 -25.96 5.18
CA ARG A 292 8.09 -26.69 4.65
C ARG A 292 9.33 -26.32 5.45
N ILE A 293 10.07 -27.34 5.87
CA ILE A 293 11.32 -27.12 6.60
C ILE A 293 12.46 -27.76 5.81
N ASP A 294 13.45 -26.94 5.44
CA ASP A 294 14.61 -27.42 4.71
C ASP A 294 15.82 -27.44 5.61
N PHE A 295 16.38 -28.63 5.81
CA PHE A 295 17.60 -28.82 6.58
C PHE A 295 18.76 -29.03 5.63
N ASN A 296 19.60 -28.02 5.45
CA ASN A 296 20.73 -28.16 4.54
C ASN A 296 22.04 -28.01 5.29
N GLY A 297 21.96 -27.77 6.59
CA GLY A 297 23.16 -27.64 7.38
C GLY A 297 23.29 -28.71 8.46
N THR A 298 23.77 -28.32 9.63
CA THR A 298 23.88 -29.20 10.77
C THR A 298 22.89 -28.73 11.83
N ALA A 299 22.03 -29.63 12.28
CA ALA A 299 21.08 -29.25 13.31
C ALA A 299 20.93 -30.35 14.33
N THR A 300 20.77 -29.93 15.58
CA THR A 300 20.49 -30.82 16.67
C THR A 300 19.23 -30.33 17.37
N LEU A 301 18.21 -31.17 17.43
CA LEU A 301 16.94 -30.82 18.07
C LEU A 301 16.68 -31.74 19.26
N ILE A 302 16.56 -31.14 20.45
CA ILE A 302 16.47 -31.90 21.68
C ILE A 302 15.17 -31.63 22.41
N LYS A 303 14.57 -32.68 22.95
CA LYS A 303 13.46 -32.57 23.88
C LYS A 303 13.83 -33.26 25.19
N GLN A 304 13.77 -32.54 26.30
CA GLN A 304 14.06 -33.17 27.59
C GLN A 304 12.90 -34.10 27.93
N GLU A 305 13.16 -35.11 28.77
CA GLU A 305 12.10 -36.01 29.23
C GLU A 305 10.84 -35.26 29.73
N GLY A 306 11.03 -34.21 30.53
CA GLY A 306 9.91 -33.43 31.02
C GLY A 306 9.40 -33.79 32.41
N ILE B 1 -17.10 26.18 -19.82
CA ILE B 1 -18.42 25.86 -19.28
C ILE B 1 -19.30 25.19 -20.33
N GLU B 2 -19.42 23.87 -20.28
CA GLU B 2 -20.37 23.19 -21.13
C GLU B 2 -21.78 23.26 -20.59
N GLU B 3 -22.70 23.74 -21.41
CA GLU B 3 -24.11 23.77 -21.03
C GLU B 3 -24.73 22.54 -21.65
N VAL B 4 -25.52 21.80 -20.88
CA VAL B 4 -26.05 20.54 -21.35
C VAL B 4 -27.55 20.49 -21.12
N SER B 5 -28.27 19.84 -22.02
CA SER B 5 -29.72 19.83 -21.94
C SER B 5 -30.28 18.43 -22.03
N ASN B 6 -29.42 17.44 -22.17
CA ASN B 6 -29.89 16.06 -22.21
C ASN B 6 -28.79 15.07 -21.86
N GLU B 7 -29.18 13.80 -21.82
CA GLU B 7 -28.30 12.73 -21.41
C GLU B 7 -27.05 12.67 -22.26
N GLU B 8 -27.22 12.72 -23.57
CA GLU B 8 -26.10 12.58 -24.47
C GLU B 8 -25.08 13.72 -24.30
N GLU B 9 -25.58 14.95 -24.12
CA GLU B 9 -24.67 16.08 -23.92
C GLU B 9 -23.97 15.99 -22.56
N LEU B 10 -24.69 15.55 -21.54
CA LEU B 10 -24.09 15.38 -20.22
C LEU B 10 -23.00 14.32 -20.26
N LYS B 11 -23.29 13.21 -20.91
CA LYS B 11 -22.32 12.14 -21.05
C LYS B 11 -21.06 12.62 -21.77
N ALA B 12 -21.27 13.31 -22.89
CA ALA B 12 -20.13 13.78 -23.66
C ALA B 12 -19.30 14.76 -22.83
N ALA B 13 -19.95 15.64 -22.07
CA ALA B 13 -19.20 16.61 -21.26
C ALA B 13 -18.42 15.91 -20.14
N LEU B 14 -19.05 14.95 -19.46
CA LEU B 14 -18.39 14.26 -18.36
C LEU B 14 -17.22 13.41 -18.84
N ARG B 15 -17.27 12.93 -20.08
CA ARG B 15 -16.21 12.07 -20.58
C ARG B 15 -15.08 12.79 -21.33
N ASP B 16 -15.20 14.12 -21.43
CA ASP B 16 -14.20 14.93 -22.15
C ASP B 16 -13.25 15.52 -21.12
N ALA B 17 -11.97 15.13 -21.16
CA ALA B 17 -11.06 15.46 -20.07
C ALA B 17 -10.79 16.95 -19.95
N SER B 18 -11.17 17.74 -20.95
CA SER B 18 -10.87 19.17 -20.85
C SER B 18 -11.97 19.92 -20.11
N ILE B 19 -13.08 19.24 -19.84
CA ILE B 19 -14.25 19.87 -19.25
C ILE B 19 -14.17 19.90 -17.72
N THR B 20 -14.29 21.10 -17.15
CA THR B 20 -14.25 21.26 -15.71
C THR B 20 -15.57 21.75 -15.13
N THR B 21 -16.33 22.45 -15.95
CA THR B 21 -17.60 23.02 -15.48
C THR B 21 -18.72 22.71 -16.44
N ILE B 22 -19.81 22.22 -15.87
CA ILE B 22 -20.97 21.79 -16.63
C ILE B 22 -22.19 22.45 -16.01
N LYS B 23 -23.01 23.09 -16.86
CA LYS B 23 -24.23 23.74 -16.40
C LYS B 23 -25.46 23.05 -16.94
N LEU B 24 -26.40 22.69 -16.07
CA LEU B 24 -27.65 22.09 -16.52
C LEU B 24 -28.58 23.18 -17.06
N LYS B 25 -29.13 22.98 -18.26
CA LYS B 25 -30.04 24.00 -18.79
C LYS B 25 -31.49 23.61 -18.55
N ASN B 26 -31.69 22.37 -18.12
CA ASN B 26 -33.03 21.87 -17.85
C ASN B 26 -32.88 20.56 -17.10
N ASN B 27 -33.99 20.03 -16.62
CA ASN B 27 -33.96 18.72 -16.01
C ASN B 27 -33.51 17.65 -17.00
N ILE B 28 -32.73 16.70 -16.49
CA ILE B 28 -32.16 15.67 -17.32
C ILE B 28 -32.50 14.29 -16.77
N THR B 29 -32.96 13.43 -17.64
CA THR B 29 -33.23 12.06 -17.28
C THR B 29 -32.19 11.16 -17.94
N LEU B 30 -31.55 10.32 -17.13
CA LEU B 30 -30.54 9.36 -17.59
C LEU B 30 -31.11 7.96 -17.65
N ASN B 31 -31.17 7.40 -18.86
CA ASN B 31 -31.60 6.03 -19.03
C ASN B 31 -30.45 5.06 -18.86
N ASN B 32 -29.24 5.59 -18.91
CA ASN B 32 -28.03 4.82 -18.67
C ASN B 32 -27.09 5.47 -17.68
N ALA B 33 -26.22 4.68 -17.07
CA ALA B 33 -25.16 5.21 -16.22
C ALA B 33 -24.07 5.84 -17.09
N ILE B 34 -23.45 6.89 -16.58
CA ILE B 34 -22.33 7.53 -17.26
C ILE B 34 -21.05 7.21 -16.51
N THR B 35 -20.06 6.65 -17.20
CA THR B 35 -18.80 6.31 -16.53
C THR B 35 -17.72 7.35 -16.82
N ILE B 36 -17.02 7.77 -15.78
CA ILE B 36 -15.86 8.66 -15.91
C ILE B 36 -14.61 7.88 -15.51
N ASN B 37 -13.68 7.67 -16.45
CA ASN B 37 -12.50 6.90 -16.11
C ASN B 37 -11.25 7.35 -16.86
N ASN B 38 -11.15 8.64 -17.17
CA ASN B 38 -10.03 9.10 -17.99
C ASN B 38 -9.06 9.99 -17.21
N GLY B 39 -8.78 9.62 -15.96
CA GLY B 39 -7.65 10.19 -15.25
C GLY B 39 -8.03 11.31 -14.30
N ASN B 40 -7.10 12.22 -14.04
CA ASN B 40 -7.36 13.35 -13.15
C ASN B 40 -8.44 14.24 -13.72
N ARG B 41 -9.49 14.49 -12.93
CA ARG B 41 -10.61 15.29 -13.38
C ARG B 41 -11.07 16.17 -12.21
N ASN B 42 -11.38 17.42 -12.50
CA ASN B 42 -12.01 18.29 -11.51
C ASN B 42 -13.27 18.81 -12.16
N ILE B 43 -14.42 18.34 -11.71
CA ILE B 43 -15.68 18.59 -12.38
C ILE B 43 -16.70 19.21 -11.44
N THR B 44 -17.31 20.30 -11.91
CA THR B 44 -18.38 20.94 -11.18
C THR B 44 -19.63 20.95 -12.04
N ILE B 45 -20.70 20.38 -11.52
CA ILE B 45 -21.99 20.46 -12.18
C ILE B 45 -22.81 21.53 -11.50
N ILE B 46 -23.11 22.59 -12.25
CA ILE B 46 -23.94 23.69 -11.77
C ILE B 46 -25.41 23.38 -12.08
N GLY B 47 -26.19 23.04 -11.06
CA GLY B 47 -27.54 22.53 -11.29
C GLY B 47 -28.60 23.56 -11.67
N ASP B 48 -28.40 24.79 -11.21
CA ASP B 48 -29.38 25.86 -11.38
C ASP B 48 -30.82 25.45 -11.02
N GLY B 49 -30.95 24.64 -9.98
CA GLY B 49 -32.25 24.24 -9.47
C GLY B 49 -32.90 23.10 -10.22
N HIS B 50 -32.23 22.57 -11.23
CA HIS B 50 -32.80 21.49 -12.03
C HIS B 50 -32.51 20.13 -11.41
N TYR B 51 -33.11 19.09 -11.96
CA TYR B 51 -32.82 17.76 -11.46
C TYR B 51 -32.11 16.87 -12.45
N ILE B 52 -31.46 15.84 -11.91
CA ILE B 52 -30.95 14.75 -12.72
C ILE B 52 -31.55 13.49 -12.15
N ASN B 53 -32.22 12.73 -13.01
CA ASN B 53 -32.90 11.54 -12.59
C ASN B 53 -32.23 10.33 -13.21
N ALA B 54 -31.49 9.60 -12.38
CA ALA B 54 -30.72 8.45 -12.80
C ALA B 54 -31.60 7.20 -12.68
N LEU B 55 -32.19 6.80 -13.80
CA LEU B 55 -33.19 5.74 -13.81
C LEU B 55 -32.60 4.34 -13.88
N ASN B 56 -31.36 4.23 -14.34
CA ASN B 56 -30.80 2.90 -14.55
C ASN B 56 -30.27 2.28 -13.27
N SER B 57 -30.67 1.04 -13.02
CA SER B 57 -30.18 0.27 -11.88
C SER B 57 -28.64 0.17 -11.88
N ASP B 58 -28.02 0.37 -13.04
CA ASP B 58 -26.56 0.39 -13.14
C ASP B 58 -25.93 1.56 -12.38
N GLY B 59 -26.64 2.67 -12.29
CA GLY B 59 -26.11 3.84 -11.62
C GLY B 59 -26.39 5.14 -12.35
N GLY B 60 -25.92 6.24 -11.77
CA GLY B 60 -26.03 7.56 -12.38
C GLY B 60 -24.69 7.92 -12.98
N ILE B 61 -23.79 8.39 -12.10
CA ILE B 61 -22.41 8.61 -12.48
C ILE B 61 -21.54 7.56 -11.81
N ILE B 62 -20.68 6.92 -12.60
CA ILE B 62 -19.74 5.95 -12.08
C ILE B 62 -18.32 6.47 -12.24
N LEU B 63 -17.63 6.66 -11.14
CA LEU B 63 -16.21 7.03 -11.17
C LEU B 63 -15.42 5.74 -11.22
N ASN B 64 -14.56 5.56 -12.22
CA ASN B 64 -13.93 4.26 -12.40
C ASN B 64 -12.51 4.35 -12.95
N ASN B 65 -11.73 5.32 -12.47
CA ASN B 65 -10.32 5.40 -12.83
C ASN B 65 -9.53 4.16 -12.48
N ARG B 66 -8.57 3.82 -13.34
CA ARG B 66 -7.70 2.67 -13.12
C ARG B 66 -6.42 3.05 -12.36
N GLY B 67 -6.00 4.30 -12.48
CA GLY B 67 -4.72 4.71 -11.91
C GLY B 67 -4.77 4.87 -10.41
N GLY B 68 -3.78 4.33 -9.71
CA GLY B 68 -3.67 4.48 -8.28
C GLY B 68 -3.55 5.92 -7.78
N SER B 69 -2.92 6.79 -8.56
CA SER B 69 -2.74 8.16 -8.09
C SER B 69 -3.67 9.17 -8.78
N ALA B 70 -4.54 8.70 -9.66
CA ALA B 70 -5.49 9.60 -10.33
C ALA B 70 -6.58 10.05 -9.35
N LYS B 71 -6.98 11.31 -9.45
CA LYS B 71 -8.01 11.82 -8.56
C LYS B 71 -9.17 12.40 -9.35
N ILE B 72 -10.39 12.00 -9.01
CA ILE B 72 -11.55 12.68 -9.55
C ILE B 72 -12.20 13.48 -8.43
N ASP B 73 -12.34 14.78 -8.66
CA ASP B 73 -13.04 15.66 -7.73
C ASP B 73 -14.33 16.09 -8.41
N LEU B 74 -15.45 15.63 -7.90
CA LEU B 74 -16.75 15.91 -8.51
C LEU B 74 -17.62 16.74 -7.56
N THR B 75 -18.02 17.92 -8.01
CA THR B 75 -18.93 18.75 -7.22
C THR B 75 -20.27 18.93 -7.91
N ILE B 76 -21.35 18.74 -7.18
CA ILE B 76 -22.69 19.04 -7.72
C ILE B 76 -23.33 20.09 -6.84
N GLU B 77 -23.77 21.18 -7.47
CA GLU B 77 -24.34 22.32 -6.73
C GLU B 77 -25.77 22.59 -7.14
N ASN B 78 -26.62 22.88 -6.16
CA ASN B 78 -27.94 23.44 -6.47
C ASN B 78 -28.73 22.59 -7.45
N ALA B 79 -28.91 21.32 -7.10
CA ALA B 79 -29.63 20.37 -7.95
C ALA B 79 -30.40 19.38 -7.09
N THR B 80 -31.40 18.76 -7.70
CA THR B 80 -32.08 17.64 -7.09
C THR B 80 -31.60 16.38 -7.80
N LEU B 81 -31.20 15.38 -7.03
CA LEU B 81 -30.66 14.16 -7.60
C LEU B 81 -31.48 12.95 -7.23
N TYR B 82 -31.87 12.17 -8.24
CA TYR B 82 -32.64 10.96 -8.01
C TYR B 82 -31.85 9.77 -8.50
N ASN B 83 -31.94 8.65 -7.79
CA ASN B 83 -31.36 7.41 -8.31
C ASN B 83 -32.10 6.18 -7.82
N THR B 84 -32.17 5.16 -8.67
CA THR B 84 -32.78 3.88 -8.33
C THR B 84 -31.69 2.85 -8.01
N SER B 85 -30.48 3.13 -8.46
CA SER B 85 -29.38 2.18 -8.30
C SER B 85 -28.99 1.96 -6.84
N LYS B 86 -28.72 0.71 -6.48
CA LYS B 86 -28.18 0.43 -5.17
C LYS B 86 -26.76 0.96 -4.99
N TYR B 87 -26.12 1.40 -6.08
CA TYR B 87 -24.78 1.96 -5.99
C TYR B 87 -24.77 3.49 -6.04
N GLY B 88 -25.91 4.10 -5.75
CA GLY B 88 -25.98 5.54 -5.55
C GLY B 88 -26.12 6.36 -6.83
N PHE B 89 -26.45 7.64 -6.68
CA PHE B 89 -26.37 8.55 -7.81
C PHE B 89 -24.90 8.65 -8.27
N VAL B 90 -24.00 8.79 -7.31
CA VAL B 90 -22.59 8.66 -7.58
C VAL B 90 -22.00 7.39 -6.95
N ASN B 91 -21.27 6.66 -7.78
CA ASN B 91 -20.61 5.44 -7.40
C ASN B 91 -19.11 5.68 -7.49
N MET B 92 -18.44 5.78 -6.35
CA MET B 92 -17.02 6.08 -6.31
C MET B 92 -16.19 4.83 -6.40
N SER B 93 -16.00 4.35 -7.62
CA SER B 93 -15.33 3.08 -7.86
C SER B 93 -13.93 3.20 -8.49
N SER B 94 -13.29 4.37 -8.39
CA SER B 94 -11.92 4.48 -8.86
C SER B 94 -10.97 3.64 -8.00
N ASN B 95 -9.87 3.24 -8.61
CA ASN B 95 -8.80 2.56 -7.90
C ASN B 95 -8.13 3.56 -6.97
N GLY B 96 -8.13 4.82 -7.37
CA GLY B 96 -7.50 5.88 -6.61
C GLY B 96 -8.49 6.73 -5.82
N VAL B 97 -8.17 8.02 -5.71
CA VAL B 97 -8.93 8.95 -4.89
C VAL B 97 -10.18 9.45 -5.63
N ASP B 98 -11.34 9.32 -4.99
CA ASP B 98 -12.58 9.95 -5.45
C ASP B 98 -13.10 10.87 -4.36
N THR B 99 -13.43 12.11 -4.72
CA THR B 99 -14.04 13.02 -3.77
C THR B 99 -15.30 13.60 -4.38
N VAL B 100 -16.41 13.47 -3.67
CA VAL B 100 -17.69 13.96 -4.14
C VAL B 100 -18.17 15.05 -3.19
N THR B 101 -18.63 16.16 -3.75
CA THR B 101 -19.16 17.27 -2.95
C THR B 101 -20.59 17.58 -3.38
N TYR B 102 -21.51 17.52 -2.43
CA TYR B 102 -22.88 17.95 -2.67
C TYR B 102 -23.07 19.32 -2.01
N LYS B 103 -23.38 20.33 -2.80
CA LYS B 103 -23.61 21.63 -2.22
C LYS B 103 -25.02 22.14 -2.53
N ASP B 104 -25.81 22.40 -1.49
CA ASP B 104 -27.20 22.80 -1.68
C ASP B 104 -27.92 21.80 -2.60
N VAL B 105 -27.76 20.53 -2.27
CA VAL B 105 -28.35 19.45 -3.05
C VAL B 105 -29.52 18.84 -2.28
N THR B 106 -30.57 18.46 -3.00
CA THR B 106 -31.60 17.61 -2.43
C THR B 106 -31.51 16.30 -3.17
N ALA B 107 -31.45 15.18 -2.45
CA ALA B 107 -31.27 13.90 -3.13
C ALA B 107 -32.30 12.90 -2.64
N TYR B 108 -32.74 12.02 -3.55
CA TYR B 108 -33.67 10.94 -3.25
C TYR B 108 -33.15 9.65 -3.83
N GLY B 109 -33.17 8.57 -3.05
CA GLY B 109 -32.70 7.27 -3.55
C GLY B 109 -32.79 6.24 -2.46
N GLY B 110 -32.38 5.00 -2.73
CA GLY B 110 -32.28 4.01 -1.67
C GLY B 110 -30.94 4.15 -0.96
N THR B 111 -29.90 3.69 -1.65
CA THR B 111 -28.53 4.04 -1.33
C THR B 111 -28.18 5.23 -2.23
N LEU B 112 -27.75 6.33 -1.62
CA LEU B 112 -27.59 7.57 -2.37
C LEU B 112 -26.18 7.75 -2.94
N VAL B 113 -25.20 7.25 -2.21
CA VAL B 113 -23.80 7.36 -2.62
C VAL B 113 -23.13 6.07 -2.21
N TRP B 114 -22.32 5.52 -3.10
CA TRP B 114 -21.68 4.22 -2.79
C TRP B 114 -20.22 4.28 -3.18
N SER B 115 -19.37 3.46 -2.60
CA SER B 115 -17.96 3.52 -2.93
C SER B 115 -17.28 2.19 -2.76
N LYS B 116 -16.15 2.01 -3.45
CA LYS B 116 -15.24 0.92 -3.16
C LYS B 116 -14.57 1.11 -1.81
N THR B 117 -14.51 0.05 -1.03
CA THR B 117 -13.98 0.15 0.33
C THR B 117 -12.55 -0.36 0.44
N GLY B 118 -12.03 -0.88 -0.66
CA GLY B 118 -10.71 -1.49 -0.64
C GLY B 118 -9.74 -0.84 -1.61
N ALA B 119 -9.85 0.47 -1.78
CA ALA B 119 -9.01 1.18 -2.75
C ALA B 119 -8.54 2.50 -2.18
N GLY B 120 -8.48 3.53 -3.02
CA GLY B 120 -8.01 4.83 -2.57
C GLY B 120 -9.03 5.57 -1.68
N VAL B 121 -8.64 6.72 -1.17
CA VAL B 121 -9.47 7.47 -0.22
C VAL B 121 -10.76 7.98 -0.87
N LYS B 122 -11.88 7.63 -0.26
CA LYS B 122 -13.22 8.03 -0.70
C LYS B 122 -13.84 9.05 0.25
N THR B 123 -14.15 10.22 -0.29
CA THR B 123 -14.64 11.33 0.53
C THR B 123 -15.95 11.89 -0.01
N LEU B 124 -16.93 12.08 0.87
CA LEU B 124 -18.16 12.78 0.52
C LEU B 124 -18.29 14.05 1.36
N ASN B 125 -18.34 15.20 0.71
CA ASN B 125 -18.55 16.46 1.40
C ASN B 125 -19.98 16.93 1.21
N LEU B 126 -20.62 17.32 2.30
CA LEU B 126 -21.99 17.78 2.33
C LEU B 126 -21.97 19.25 2.76
N VAL B 127 -22.41 20.13 1.88
CA VAL B 127 -22.18 21.57 2.03
C VAL B 127 -23.49 22.35 1.91
N GLY B 128 -23.58 23.48 2.60
CA GLY B 128 -24.77 24.33 2.55
C GLY B 128 -26.00 23.61 3.05
N ASN B 129 -27.14 23.88 2.43
CA ASN B 129 -28.40 23.29 2.83
C ASN B 129 -28.68 22.05 2.01
N THR B 130 -28.22 20.91 2.50
CA THR B 130 -28.30 19.66 1.76
C THR B 130 -29.17 18.65 2.50
N THR B 131 -30.13 18.07 1.79
CA THR B 131 -31.06 17.13 2.37
C THR B 131 -31.01 15.84 1.60
N LEU B 132 -30.74 14.75 2.31
CA LEU B 132 -30.62 13.45 1.69
C LEU B 132 -31.80 12.60 2.15
N ASN B 133 -32.45 11.97 1.19
CA ASN B 133 -33.64 11.19 1.48
C ASN B 133 -33.46 9.76 1.01
N SER B 134 -33.35 8.84 1.96
CA SER B 134 -33.31 7.43 1.64
C SER B 134 -34.76 6.94 1.66
N VAL B 135 -35.28 6.61 0.48
CA VAL B 135 -36.71 6.28 0.31
C VAL B 135 -36.88 5.01 -0.50
N LYS B 136 -38.05 4.39 -0.38
CA LYS B 136 -38.31 3.13 -1.09
C LYS B 136 -38.77 3.40 -2.52
N SER B 137 -39.23 4.62 -2.75
CA SER B 137 -39.58 5.06 -4.10
C SER B 137 -39.66 6.57 -4.13
N TYR B 138 -39.66 7.12 -5.33
CA TYR B 138 -39.84 8.55 -5.49
C TYR B 138 -40.69 8.83 -6.70
N GLU B 139 -41.19 10.05 -6.79
CA GLU B 139 -42.04 10.48 -7.89
C GLU B 139 -41.44 11.70 -8.54
N VAL B 140 -41.26 11.62 -9.85
CA VAL B 140 -40.75 12.73 -10.62
C VAL B 140 -41.59 12.88 -11.87
N ASP B 141 -42.06 14.10 -12.12
CA ASP B 141 -42.97 14.39 -13.25
C ASP B 141 -44.02 13.30 -13.48
N GLY B 142 -44.76 12.95 -12.43
CA GLY B 142 -45.82 11.96 -12.54
C GLY B 142 -45.42 10.49 -12.70
N GLN B 143 -44.12 10.21 -12.76
CA GLN B 143 -43.64 8.82 -12.81
C GLN B 143 -43.05 8.37 -11.46
N SER B 144 -43.55 7.25 -10.96
CA SER B 144 -43.07 6.66 -9.73
C SER B 144 -41.95 5.65 -10.04
N CYS B 145 -40.85 5.70 -9.27
CA CYS B 145 -39.73 4.78 -9.45
C CYS B 145 -39.38 4.13 -8.13
N GLY B 146 -39.25 2.81 -8.14
CA GLY B 146 -38.78 2.07 -6.98
C GLY B 146 -37.27 2.15 -6.89
N THR B 147 -36.75 2.19 -5.67
CA THR B 147 -35.32 2.25 -5.43
C THR B 147 -34.77 0.91 -5.00
N GLU B 148 -33.46 0.74 -5.15
CA GLU B 148 -32.76 -0.39 -4.54
C GLU B 148 -31.74 0.11 -3.53
N ALA B 149 -31.40 -0.75 -2.59
CA ALA B 149 -30.45 -0.38 -1.55
C ALA B 149 -29.33 -1.40 -1.48
N PHE B 150 -28.11 -0.91 -1.29
CA PHE B 150 -26.98 -1.78 -1.09
C PHE B 150 -27.07 -2.46 0.26
N SER B 151 -26.80 -3.77 0.27
CA SER B 151 -26.84 -4.60 1.47
C SER B 151 -25.47 -5.21 1.69
N HIS B 152 -25.07 -5.37 2.94
CA HIS B 152 -23.76 -5.92 3.24
C HIS B 152 -23.83 -6.68 4.58
N ARG B 153 -23.05 -7.74 4.70
CA ARG B 153 -23.08 -8.59 5.88
C ARG B 153 -22.50 -7.88 7.11
N THR B 154 -23.05 -8.18 8.29
CA THR B 154 -22.48 -7.74 9.57
C THR B 154 -22.62 -8.92 10.53
N PRO B 155 -21.93 -8.87 11.67
CA PRO B 155 -22.16 -9.95 12.65
C PRO B 155 -23.61 -10.06 13.14
N ASP B 156 -24.43 -9.04 12.90
CA ASP B 156 -25.84 -9.11 13.27
C ASP B 156 -26.76 -9.25 12.05
N GLY B 157 -26.25 -9.82 10.96
CA GLY B 157 -27.06 -9.98 9.77
C GLY B 157 -26.82 -8.88 8.73
N ASP B 158 -27.39 -9.07 7.56
CA ASP B 158 -27.19 -8.12 6.46
C ASP B 158 -27.89 -6.81 6.79
N LYS B 159 -27.22 -5.71 6.48
CA LYS B 159 -27.82 -4.40 6.69
C LYS B 159 -27.70 -3.58 5.41
N THR B 160 -28.66 -2.70 5.20
CA THR B 160 -28.65 -1.76 4.09
C THR B 160 -28.24 -0.39 4.61
N THR B 161 -27.80 0.50 3.72
CA THR B 161 -27.42 1.84 4.15
C THR B 161 -27.76 2.89 3.10
N ALA B 162 -28.00 4.11 3.56
CA ALA B 162 -28.27 5.24 2.67
C ALA B 162 -26.96 5.76 2.03
N LEU B 163 -25.86 5.67 2.77
CA LEU B 163 -24.57 6.19 2.33
C LEU B 163 -23.46 5.21 2.65
N TYR B 164 -22.75 4.75 1.62
CA TYR B 164 -21.70 3.77 1.82
C TYR B 164 -20.40 4.38 1.30
N VAL B 165 -19.77 5.17 2.14
CA VAL B 165 -18.61 5.96 1.77
C VAL B 165 -17.46 5.50 2.64
N SER B 166 -16.40 5.00 2.03
CA SER B 166 -15.38 4.27 2.76
C SER B 166 -14.65 5.07 3.85
N ASN B 167 -14.18 6.27 3.52
CA ASN B 167 -13.21 6.94 4.39
C ASN B 167 -13.66 8.20 5.10
N ALA B 168 -14.40 9.07 4.41
CA ALA B 168 -14.77 10.31 5.07
C ALA B 168 -16.11 10.85 4.60
N ILE B 169 -16.95 11.22 5.55
CA ILE B 169 -18.12 12.04 5.27
C ILE B 169 -18.00 13.30 6.10
N ASN B 170 -17.96 14.45 5.41
CA ASN B 170 -17.74 15.75 6.06
C ASN B 170 -18.96 16.63 5.92
N ILE B 171 -19.46 17.12 7.04
CA ILE B 171 -20.47 18.14 7.03
C ILE B 171 -19.69 19.45 7.11
N ALA B 172 -19.73 20.25 6.06
CA ALA B 172 -18.88 21.43 5.96
C ALA B 172 -19.26 22.47 7.01
N GLU B 173 -18.31 23.35 7.35
CA GLU B 173 -18.64 24.51 8.20
C GLU B 173 -19.89 25.24 7.72
N ASN B 174 -20.75 25.60 8.67
CA ASN B 174 -22.00 26.31 8.43
C ASN B 174 -23.05 25.55 7.64
N ALA B 175 -22.80 24.28 7.32
CA ALA B 175 -23.79 23.55 6.56
C ALA B 175 -24.98 23.22 7.45
N ASN B 176 -26.12 22.97 6.81
CA ASN B 176 -27.30 22.45 7.46
C ASN B 176 -27.71 21.19 6.72
N VAL B 177 -27.25 20.05 7.24
CA VAL B 177 -27.47 18.78 6.56
C VAL B 177 -28.52 17.96 7.30
N VAL B 178 -29.47 17.44 6.54
CA VAL B 178 -30.54 16.61 7.07
C VAL B 178 -30.57 15.32 6.31
N LEU B 179 -30.64 14.20 7.02
CA LEU B 179 -30.80 12.93 6.33
C LEU B 179 -32.07 12.29 6.88
N ASN B 180 -33.01 12.06 5.98
CA ASN B 180 -34.30 11.45 6.30
C ASN B 180 -34.25 10.03 5.77
N ASN B 181 -34.44 9.05 6.65
CA ASN B 181 -34.31 7.67 6.22
C ASN B 181 -35.60 6.90 6.51
N SER B 182 -36.25 6.43 5.46
CA SER B 182 -37.41 5.55 5.60
C SER B 182 -37.25 4.29 4.77
N ALA B 183 -36.01 3.90 4.48
CA ALA B 183 -35.79 2.80 3.53
C ALA B 183 -34.66 1.85 3.90
N THR B 184 -33.63 2.33 4.60
CA THR B 184 -32.45 1.51 4.87
C THR B 184 -32.13 1.44 6.36
N ASP B 185 -31.30 0.47 6.74
CA ASP B 185 -31.00 0.18 8.15
C ASP B 185 -30.02 1.15 8.80
N ILE B 186 -29.16 1.75 7.98
CA ILE B 186 -28.06 2.58 8.46
C ILE B 186 -28.04 3.90 7.71
N ASP B 187 -27.88 5.03 8.40
CA ASP B 187 -27.87 6.30 7.67
C ASP B 187 -26.52 6.52 6.98
N MET B 188 -25.42 6.29 7.71
CA MET B 188 -24.06 6.46 7.19
C MET B 188 -23.23 5.25 7.57
N TRP B 189 -22.73 4.55 6.57
CA TRP B 189 -21.88 3.39 6.82
C TRP B 189 -20.51 3.58 6.20
N LEU B 190 -19.47 3.69 7.04
CA LEU B 190 -18.11 3.88 6.55
C LEU B 190 -17.29 2.64 6.91
N LEU B 191 -16.86 1.94 5.89
CA LEU B 191 -16.18 0.66 6.07
C LEU B 191 -14.91 0.66 5.24
N THR B 192 -13.82 0.12 5.78
CA THR B 192 -12.65 -0.10 4.93
C THR B 192 -12.30 -1.60 4.92
N ALA B 193 -11.71 -2.05 3.82
CA ALA B 193 -11.21 -3.41 3.77
C ALA B 193 -9.84 -3.44 3.10
N VAL B 194 -9.08 -4.50 3.34
CA VAL B 194 -7.80 -4.68 2.64
C VAL B 194 -8.14 -4.71 1.14
N PRO B 195 -7.33 -4.11 0.27
CA PRO B 195 -6.13 -3.26 0.36
C PRO B 195 -6.43 -1.76 0.42
N SER B 196 -7.39 -1.32 1.22
CA SER B 196 -7.63 0.12 1.37
C SER B 196 -6.31 0.85 1.60
N THR B 197 -6.15 2.01 0.99
CA THR B 197 -4.93 2.76 1.21
C THR B 197 -4.84 3.37 2.60
N SER B 198 -5.96 3.49 3.32
CA SER B 198 -5.89 4.13 4.64
C SER B 198 -6.39 3.33 5.84
N GLY B 199 -7.47 2.59 5.68
CA GLY B 199 -8.06 1.88 6.81
C GLY B 199 -8.65 2.82 7.86
N ILE B 200 -8.89 4.08 7.47
CA ILE B 200 -9.43 5.08 8.40
C ILE B 200 -10.81 5.51 7.94
N SER B 201 -11.77 5.56 8.87
CA SER B 201 -13.12 5.99 8.55
C SER B 201 -13.49 7.14 9.47
N THR B 202 -13.94 8.25 8.90
CA THR B 202 -14.13 9.47 9.67
C THR B 202 -15.42 10.19 9.28
N VAL B 203 -16.23 10.53 10.28
CA VAL B 203 -17.30 11.48 10.06
C VAL B 203 -16.98 12.76 10.81
N THR B 204 -17.00 13.88 10.09
CA THR B 204 -16.74 15.17 10.73
C THR B 204 -17.93 16.10 10.56
N VAL B 205 -18.22 16.87 11.61
CA VAL B 205 -19.23 17.90 11.54
C VAL B 205 -18.48 19.20 11.82
N GLY B 206 -18.48 20.11 10.84
CA GLY B 206 -17.60 21.26 10.90
C GLY B 206 -18.09 22.33 11.86
N ASN B 207 -17.24 23.33 12.11
CA ASN B 207 -17.60 24.49 12.95
C ASN B 207 -18.95 25.06 12.55
N ASN B 208 -19.79 25.31 13.54
CA ASN B 208 -21.09 25.95 13.33
C ASN B 208 -22.03 25.23 12.36
N ALA B 209 -21.79 23.94 12.14
CA ALA B 209 -22.65 23.17 11.23
C ALA B 209 -23.77 22.46 11.99
N SER B 210 -24.76 21.98 11.24
CA SER B 210 -25.83 21.18 11.81
C SER B 210 -25.97 19.89 11.05
N LEU B 211 -26.14 18.80 11.79
CA LEU B 211 -26.41 17.50 11.20
C LEU B 211 -27.62 16.93 11.93
N THR B 212 -28.67 16.65 11.17
CA THR B 212 -29.89 16.12 11.74
C THR B 212 -30.26 14.81 11.07
N MET B 213 -30.31 13.74 11.86
CA MET B 213 -30.69 12.42 11.39
C MET B 213 -31.62 11.77 12.41
N GLU B 214 -32.84 12.29 12.42
CA GLU B 214 -33.85 11.86 13.37
C GLU B 214 -34.69 10.77 12.74
N ASN B 215 -34.20 9.54 12.88
CA ASN B 215 -34.74 8.43 12.12
C ASN B 215 -35.10 7.26 13.00
N ILE B 216 -35.50 7.57 14.25
CA ILE B 216 -35.80 6.53 15.23
C ILE B 216 -36.96 5.62 14.77
N GLY B 217 -37.80 6.11 13.87
CA GLY B 217 -38.88 5.31 13.31
C GLY B 217 -38.45 4.25 12.32
N ASN B 218 -37.19 4.28 11.90
CA ASN B 218 -36.74 3.48 10.77
C ASN B 218 -35.35 2.89 10.91
N THR B 219 -34.38 3.74 11.26
CA THR B 219 -32.97 3.41 11.19
C THR B 219 -32.48 2.61 12.40
N GLU B 220 -31.65 1.58 12.17
CA GLU B 220 -31.07 0.86 13.31
C GLU B 220 -29.82 1.56 13.88
N TYR B 221 -28.88 1.95 13.03
CA TYR B 221 -27.69 2.72 13.48
C TYR B 221 -27.59 4.00 12.66
N ASN B 222 -27.43 5.15 13.29
CA ASN B 222 -27.24 6.36 12.47
C ASN B 222 -25.90 6.32 11.73
N ILE B 223 -24.83 6.01 12.46
CA ILE B 223 -23.49 5.99 11.90
C ILE B 223 -22.79 4.70 12.29
N LYS B 224 -22.35 3.95 11.30
CA LYS B 224 -21.62 2.74 11.58
C LYS B 224 -20.20 2.88 11.04
N LEU B 225 -19.21 2.74 11.92
CA LEU B 225 -17.82 2.99 11.54
C LEU B 225 -17.06 1.69 11.56
N ASP B 226 -16.51 1.30 10.41
CA ASP B 226 -15.83 0.03 10.29
C ASP B 226 -14.46 0.20 9.65
N GLY B 227 -13.74 1.24 10.06
CA GLY B 227 -12.37 1.41 9.65
C GLY B 227 -11.51 0.32 10.26
N GLY B 228 -10.66 -0.30 9.45
CA GLY B 228 -9.77 -1.37 9.90
C GLY B 228 -8.71 -0.88 10.87
N ARG B 229 -8.34 0.39 10.76
CA ARG B 229 -7.30 0.92 11.63
C ARG B 229 -7.78 2.01 12.57
N GLU B 230 -8.60 2.93 12.08
CA GLU B 230 -9.09 4.03 12.91
C GLU B 230 -10.50 4.40 12.54
N ASN B 231 -11.24 4.87 13.54
CA ASN B 231 -12.61 5.30 13.40
C ASN B 231 -12.80 6.60 14.16
N HIS B 232 -13.35 7.62 13.50
CA HIS B 232 -13.48 8.93 14.11
C HIS B 232 -14.89 9.49 13.91
N PHE B 233 -15.45 10.09 14.96
CA PHE B 233 -16.64 10.93 14.83
C PHE B 233 -16.32 12.22 15.55
N ILE B 234 -16.16 13.29 14.79
CA ILE B 234 -15.62 14.54 15.28
C ILE B 234 -16.68 15.61 15.13
N VAL B 235 -17.12 16.18 16.24
CA VAL B 235 -18.12 17.21 16.20
C VAL B 235 -17.41 18.48 16.67
N ASN B 236 -17.23 19.43 15.75
CA ASN B 236 -16.43 20.62 16.02
C ASN B 236 -17.16 21.72 16.77
N GLU B 237 -16.42 22.78 17.09
CA GLU B 237 -16.95 23.86 17.91
C GLU B 237 -18.28 24.45 17.39
N ASN B 238 -19.22 24.57 18.32
CA ASN B 238 -20.57 25.10 18.08
C ASN B 238 -21.40 24.33 17.07
N ALA B 239 -20.98 23.13 16.68
CA ALA B 239 -21.81 22.32 15.79
C ALA B 239 -23.04 21.81 16.54
N ALA B 240 -24.13 21.59 15.80
CA ALA B 240 -25.36 21.05 16.40
C ALA B 240 -25.69 19.70 15.78
N VAL B 241 -25.75 18.65 16.59
CA VAL B 241 -26.01 17.31 16.10
C VAL B 241 -27.25 16.79 16.79
N LYS B 242 -28.19 16.29 16.00
CA LYS B 242 -29.40 15.73 16.56
C LYS B 242 -29.68 14.43 15.84
N MET B 243 -29.61 13.31 16.55
CA MET B 243 -29.79 12.02 15.90
C MET B 243 -30.66 11.10 16.71
N SER B 244 -31.42 10.25 16.02
CA SER B 244 -32.16 9.19 16.72
C SER B 244 -32.19 7.95 15.84
N ALA B 245 -32.14 6.79 16.49
CA ALA B 245 -32.13 5.50 15.79
C ALA B 245 -32.68 4.47 16.73
N LYS B 246 -33.07 3.31 16.20
CA LYS B 246 -33.61 2.27 17.07
C LYS B 246 -32.56 1.69 17.99
N VAL B 247 -31.40 1.38 17.45
CA VAL B 247 -30.43 0.61 18.25
C VAL B 247 -29.30 1.50 18.78
N ASP B 248 -28.42 1.98 17.89
CA ASP B 248 -27.30 2.82 18.30
C ASP B 248 -27.20 4.08 17.45
N ASN B 249 -26.69 5.18 18.01
CA ASN B 249 -26.44 6.35 17.17
C ASN B 249 -25.11 6.21 16.46
N VAL B 250 -24.07 5.81 17.20
CA VAL B 250 -22.78 5.52 16.57
C VAL B 250 -22.33 4.14 17.01
N ARG B 251 -21.99 3.31 16.04
CA ARG B 251 -21.56 1.94 16.33
C ARG B 251 -20.18 1.65 15.81
N ILE B 252 -19.28 1.29 16.72
CA ILE B 252 -17.93 0.89 16.36
C ILE B 252 -17.67 -0.51 16.92
N ILE B 253 -17.96 -1.49 16.08
CA ILE B 253 -17.76 -2.90 16.41
C ILE B 253 -17.13 -3.56 15.17
N PRO B 254 -15.92 -4.12 15.33
CA PRO B 254 -15.23 -4.70 14.17
C PRO B 254 -16.08 -5.77 13.52
N GLN B 255 -16.07 -5.79 12.20
CA GLN B 255 -16.87 -6.71 11.40
C GLN B 255 -16.41 -8.14 11.56
N LEU B 256 -15.12 -8.29 11.88
CA LEU B 256 -14.49 -9.59 11.94
C LEU B 256 -13.52 -9.62 13.08
N GLU B 257 -13.19 -10.82 13.53
CA GLU B 257 -12.20 -11.00 14.57
C GLU B 257 -10.85 -10.67 13.93
N ASN B 258 -9.82 -10.53 14.74
CA ASN B 258 -8.45 -10.26 14.29
C ASN B 258 -8.31 -8.87 13.69
N ILE B 259 -9.21 -7.96 14.07
CA ILE B 259 -9.10 -6.55 13.70
C ILE B 259 -8.98 -5.78 15.01
N PHE B 260 -7.82 -5.16 15.24
CA PHE B 260 -7.55 -4.43 16.46
C PHE B 260 -7.46 -2.99 16.06
N THR B 261 -8.57 -2.28 16.27
CA THR B 261 -8.72 -0.99 15.67
C THR B 261 -8.93 0.03 16.77
N ARG B 262 -9.07 1.28 16.36
CA ARG B 262 -9.19 2.36 17.34
C ARG B 262 -10.44 3.17 17.04
N GLY B 263 -10.96 3.83 18.06
CA GLY B 263 -12.08 4.74 17.90
C GLY B 263 -11.86 6.00 18.70
N ASN B 264 -12.31 7.12 18.13
CA ASN B 264 -12.26 8.43 18.74
C ASN B 264 -13.54 9.17 18.45
N ILE B 265 -14.21 9.57 19.52
CA ILE B 265 -15.39 10.39 19.37
C ILE B 265 -15.10 11.67 20.14
N GLU B 266 -15.22 12.80 19.48
CA GLU B 266 -14.88 14.05 20.13
C GLU B 266 -15.99 15.06 19.94
N LEU B 267 -16.50 15.58 21.04
CA LEU B 267 -17.59 16.54 21.01
C LEU B 267 -16.99 17.83 21.53
N ALA B 268 -16.73 18.79 20.65
CA ALA B 268 -15.91 19.93 21.00
C ALA B 268 -16.67 20.99 21.80
N LYS B 269 -15.91 21.90 22.39
CA LYS B 269 -16.44 23.06 23.10
C LYS B 269 -17.54 23.74 22.30
N GLY B 270 -18.63 24.09 22.98
CA GLY B 270 -19.69 24.81 22.32
C GLY B 270 -20.67 23.95 21.53
N SER B 271 -20.28 22.71 21.22
CA SER B 271 -21.18 21.85 20.46
C SER B 271 -22.39 21.48 21.31
N ASN B 272 -23.46 21.14 20.61
CA ASN B 272 -24.71 20.72 21.23
C ASN B 272 -25.14 19.45 20.56
N VAL B 273 -25.05 18.35 21.31
CA VAL B 273 -25.31 17.03 20.76
C VAL B 273 -26.49 16.38 21.47
N HIS B 274 -27.51 16.00 20.71
CA HIS B 274 -28.70 15.40 21.30
C HIS B 274 -28.96 14.06 20.61
N LEU B 275 -28.94 12.97 21.38
CA LEU B 275 -28.95 11.63 20.81
C LEU B 275 -30.01 10.76 21.50
N GLU B 276 -30.69 9.93 20.72
CA GLU B 276 -31.73 9.08 21.29
C GLU B 276 -31.71 7.71 20.63
N VAL B 277 -31.79 6.67 21.45
CA VAL B 277 -31.95 5.31 20.95
C VAL B 277 -33.06 4.61 21.75
N ILE B 278 -33.39 3.38 21.34
CA ILE B 278 -34.38 2.59 22.06
C ILE B 278 -33.76 1.37 22.76
N THR B 279 -33.08 0.52 22.00
CA THR B 279 -32.66 -0.77 22.56
C THR B 279 -31.15 -0.95 22.73
N GLY B 280 -30.34 -0.06 22.17
CA GLY B 280 -28.88 -0.20 22.26
C GLY B 280 -28.21 0.89 23.08
N SER B 281 -27.13 1.45 22.55
CA SER B 281 -26.41 2.52 23.25
C SER B 281 -26.22 3.67 22.30
N ASN B 282 -26.23 4.89 22.83
CA ASN B 282 -26.03 6.04 21.96
C ASN B 282 -24.66 5.94 21.26
N PHE B 283 -23.60 5.69 22.03
CA PHE B 283 -22.30 5.38 21.45
C PHE B 283 -22.00 3.93 21.79
N ARG B 284 -22.03 3.06 20.79
CA ARG B 284 -21.88 1.64 21.03
C ARG B 284 -20.52 1.19 20.55
N VAL B 285 -19.64 0.85 21.49
CA VAL B 285 -18.31 0.39 21.17
C VAL B 285 -17.99 -0.94 21.86
N ALA B 286 -17.62 -1.94 21.07
CA ALA B 286 -17.41 -3.27 21.61
C ALA B 286 -16.44 -4.06 20.73
N GLY B 287 -15.87 -5.13 21.27
CA GLY B 287 -14.90 -5.91 20.54
C GLY B 287 -13.53 -5.33 20.76
N THR B 288 -12.58 -5.71 19.92
CA THR B 288 -11.19 -5.29 20.13
C THR B 288 -10.97 -3.90 19.54
N VAL B 289 -11.53 -2.91 20.21
CA VAL B 289 -11.36 -1.51 19.85
C VAL B 289 -10.81 -0.74 21.03
N ALA B 290 -9.72 0.01 20.82
CA ALA B 290 -9.29 0.96 21.82
C ALA B 290 -10.03 2.28 21.57
N ASN B 291 -10.91 2.66 22.49
CA ASN B 291 -11.79 3.76 22.21
C ASN B 291 -11.66 4.90 23.21
N ARG B 292 -11.89 6.12 22.73
CA ARG B 292 -11.89 7.27 23.60
C ARG B 292 -13.01 8.20 23.20
N ILE B 293 -13.83 8.62 24.16
CA ILE B 293 -14.87 9.59 23.88
C ILE B 293 -14.64 10.80 24.76
N ASP B 294 -14.50 11.96 24.12
CA ASP B 294 -14.30 13.22 24.82
C ASP B 294 -15.58 14.07 24.75
N PHE B 295 -16.18 14.35 25.89
CA PHE B 295 -17.34 15.23 25.98
C PHE B 295 -16.82 16.58 26.48
N ASN B 296 -16.71 17.54 25.58
CA ASN B 296 -16.21 18.87 25.95
C ASN B 296 -17.24 19.94 25.68
N GLY B 297 -18.41 19.54 25.19
CA GLY B 297 -19.47 20.52 24.92
C GLY B 297 -20.68 20.22 25.79
N THR B 298 -21.88 20.38 25.23
CA THR B 298 -23.12 20.05 25.92
C THR B 298 -23.76 18.86 25.20
N ALA B 299 -24.07 17.81 25.93
CA ALA B 299 -24.67 16.63 25.32
C ALA B 299 -25.77 16.01 26.17
N THR B 300 -26.80 15.50 25.48
CA THR B 300 -27.88 14.77 26.10
C THR B 300 -28.03 13.44 25.37
N LEU B 301 -27.89 12.34 26.10
CA LEU B 301 -27.99 11.00 25.55
C LEU B 301 -29.18 10.29 26.17
N ILE B 302 -30.13 9.88 25.34
CA ILE B 302 -31.40 9.32 25.81
C ILE B 302 -31.57 7.90 25.33
N LYS B 303 -32.06 7.04 26.23
CA LYS B 303 -32.51 5.70 25.87
C LYS B 303 -33.99 5.57 26.26
N GLN B 304 -34.83 5.29 25.28
CA GLN B 304 -36.25 5.08 25.55
C GLN B 304 -36.43 3.76 26.25
N GLU B 305 -37.51 3.63 27.01
CA GLU B 305 -37.83 2.37 27.66
C GLU B 305 -37.93 1.23 26.65
N ILE C 1 1.89 -28.43 -14.81
CA ILE C 1 2.05 -27.59 -13.62
C ILE C 1 3.23 -28.05 -12.78
N GLU C 2 3.89 -27.10 -12.11
CA GLU C 2 4.94 -27.45 -11.18
C GLU C 2 5.00 -26.45 -10.03
N GLU C 3 5.01 -26.95 -8.81
CA GLU C 3 5.13 -26.10 -7.63
C GLU C 3 6.59 -26.04 -7.21
N VAL C 4 7.09 -24.84 -6.92
CA VAL C 4 8.49 -24.67 -6.60
C VAL C 4 8.68 -23.84 -5.33
N SER C 5 9.72 -24.17 -4.56
CA SER C 5 9.96 -23.48 -3.29
C SER C 5 11.37 -22.94 -3.12
N ASN C 6 12.24 -23.14 -4.10
CA ASN C 6 13.59 -22.61 -4.02
C ASN C 6 14.22 -22.53 -5.39
N GLU C 7 15.44 -22.03 -5.45
CA GLU C 7 16.17 -21.81 -6.70
C GLU C 7 16.34 -23.08 -7.50
N GLU C 8 16.75 -24.16 -6.85
CA GLU C 8 17.00 -25.39 -7.61
C GLU C 8 15.71 -25.92 -8.25
N GLU C 9 14.61 -25.84 -7.53
CA GLU C 9 13.33 -26.29 -8.09
C GLU C 9 12.84 -25.34 -9.20
N LEU C 10 13.03 -24.04 -9.02
CA LEU C 10 12.64 -23.09 -10.07
C LEU C 10 13.48 -23.35 -11.34
N LYS C 11 14.78 -23.55 -11.15
CA LYS C 11 15.67 -23.84 -12.28
C LYS C 11 15.24 -25.10 -13.03
N ALA C 12 14.98 -26.16 -12.28
CA ALA C 12 14.55 -27.41 -12.91
C ALA C 12 13.23 -27.20 -13.66
N ALA C 13 12.29 -26.47 -13.07
CA ALA C 13 11.01 -26.29 -13.76
C ALA C 13 11.16 -25.44 -15.04
N LEU C 14 11.95 -24.37 -14.97
CA LEU C 14 12.14 -23.50 -16.13
C LEU C 14 12.90 -24.21 -17.25
N ARG C 15 13.78 -25.15 -16.90
CA ARG C 15 14.58 -25.81 -17.93
C ARG C 15 13.93 -27.09 -18.45
N ASP C 16 12.72 -27.38 -17.98
CA ASP C 16 11.99 -28.59 -18.38
C ASP C 16 11.01 -28.22 -19.49
N ALA C 17 11.25 -28.73 -20.69
CA ALA C 17 10.55 -28.26 -21.87
C ALA C 17 9.05 -28.58 -21.84
N SER C 18 8.63 -29.45 -20.94
CA SER C 18 7.21 -29.80 -20.86
C SER C 18 6.45 -28.94 -19.84
N ILE C 19 7.17 -28.13 -19.08
CA ILE C 19 6.51 -27.34 -18.04
C ILE C 19 5.99 -26.03 -18.61
N THR C 20 4.69 -25.78 -18.40
CA THR C 20 4.06 -24.57 -18.90
C THR C 20 3.63 -23.65 -17.76
N THR C 21 3.35 -24.22 -16.60
CA THR C 21 2.87 -23.44 -15.47
C THR C 21 3.68 -23.73 -14.22
N ILE C 22 4.12 -22.68 -13.54
CA ILE C 22 4.96 -22.81 -12.37
C ILE C 22 4.32 -22.00 -11.27
N LYS C 23 4.13 -22.60 -10.09
CA LYS C 23 3.55 -21.85 -9.00
C LYS C 23 4.56 -21.68 -7.86
N LEU C 24 4.79 -20.43 -7.44
CA LEU C 24 5.68 -20.21 -6.31
C LEU C 24 4.98 -20.56 -5.00
N LYS C 25 5.64 -21.40 -4.21
CA LYS C 25 5.19 -21.82 -2.88
C LYS C 25 6.03 -21.17 -1.77
N ASN C 26 6.98 -20.35 -2.18
CA ASN C 26 7.92 -19.71 -1.29
C ASN C 26 8.60 -18.57 -2.02
N ASN C 27 9.20 -17.64 -1.27
CA ASN C 27 10.09 -16.66 -1.90
C ASN C 27 11.34 -17.35 -2.40
N ILE C 28 11.88 -16.87 -3.52
CA ILE C 28 12.99 -17.55 -4.15
C ILE C 28 14.17 -16.59 -4.27
N THR C 29 15.36 -17.04 -3.89
CA THR C 29 16.55 -16.25 -4.13
C THR C 29 17.40 -16.92 -5.21
N LEU C 30 17.72 -16.17 -6.27
CA LEU C 30 18.56 -16.72 -7.31
C LEU C 30 19.97 -16.19 -7.13
N ASN C 31 20.90 -17.08 -6.78
CA ASN C 31 22.31 -16.71 -6.68
C ASN C 31 23.00 -16.83 -8.03
N ASN C 32 22.37 -17.54 -8.94
CA ASN C 32 22.85 -17.61 -10.31
C ASN C 32 21.70 -17.33 -11.28
N ALA C 33 22.06 -16.90 -12.49
CA ALA C 33 21.05 -16.71 -13.52
C ALA C 33 20.56 -18.06 -14.02
N ILE C 34 19.29 -18.13 -14.40
CA ILE C 34 18.71 -19.34 -14.99
C ILE C 34 18.50 -19.11 -16.49
N THR C 35 19.06 -20.00 -17.32
CA THR C 35 18.92 -19.85 -18.76
C THR C 35 17.83 -20.75 -19.34
N ILE C 36 16.99 -20.16 -20.18
CA ILE C 36 16.00 -20.92 -20.92
C ILE C 36 16.41 -20.90 -22.38
N ASN C 37 16.75 -22.08 -22.90
CA ASN C 37 17.25 -22.14 -24.27
C ASN C 37 16.86 -23.42 -24.98
N ASN C 38 15.72 -23.98 -24.60
CA ASN C 38 15.35 -25.29 -25.15
C ASN C 38 14.16 -25.23 -26.09
N GLY C 39 14.08 -24.16 -26.87
CA GLY C 39 13.13 -24.12 -27.98
C GLY C 39 11.84 -23.39 -27.65
N ASN C 40 10.76 -23.76 -28.33
CA ASN C 40 9.46 -23.13 -28.07
C ASN C 40 8.95 -23.42 -26.66
N ARG C 41 8.62 -22.34 -25.95
CA ARG C 41 8.16 -22.43 -24.57
C ARG C 41 7.04 -21.41 -24.32
N ASN C 42 6.02 -21.85 -23.60
CA ASN C 42 4.98 -20.98 -23.09
C ASN C 42 4.96 -21.21 -21.59
N ILE C 43 5.45 -20.22 -20.84
CA ILE C 43 5.69 -20.40 -19.41
C ILE C 43 4.96 -19.31 -18.65
N THR C 44 4.20 -19.72 -17.64
CA THR C 44 3.54 -18.79 -16.72
C THR C 44 3.99 -19.08 -15.31
N ILE C 45 4.52 -18.06 -14.64
CA ILE C 45 4.87 -18.16 -13.24
C ILE C 45 3.78 -17.50 -12.42
N ILE C 46 3.06 -18.31 -11.65
CA ILE C 46 2.01 -17.84 -10.77
C ILE C 46 2.68 -17.53 -9.45
N GLY C 47 2.80 -16.24 -9.12
CA GLY C 47 3.61 -15.81 -8.00
C GLY C 47 2.96 -16.03 -6.65
N ASP C 48 1.63 -16.01 -6.61
CA ASP C 48 0.89 -16.15 -5.36
C ASP C 48 1.40 -15.22 -4.25
N GLY C 49 1.81 -14.01 -4.63
CA GLY C 49 2.22 -13.01 -3.66
C GLY C 49 3.65 -13.10 -3.18
N HIS C 50 4.41 -14.08 -3.69
CA HIS C 50 5.81 -14.27 -3.28
C HIS C 50 6.75 -13.41 -4.10
N TYR C 51 8.03 -13.39 -3.70
CA TYR C 51 9.02 -12.66 -4.49
C TYR C 51 10.09 -13.57 -5.08
N ILE C 52 10.75 -13.05 -6.12
CA ILE C 52 11.97 -13.65 -6.64
C ILE C 52 13.05 -12.58 -6.63
N ASN C 53 14.16 -12.89 -5.99
CA ASN C 53 15.26 -11.94 -5.84
C ASN C 53 16.45 -12.45 -6.64
N ALA C 54 16.68 -11.80 -7.77
CA ALA C 54 17.76 -12.19 -8.66
C ALA C 54 19.02 -11.40 -8.29
N LEU C 55 19.89 -12.04 -7.52
CA LEU C 55 21.05 -11.38 -6.89
C LEU C 55 22.30 -11.29 -7.75
N ASN C 56 22.37 -12.14 -8.76
CA ASN C 56 23.58 -12.22 -9.54
C ASN C 56 23.62 -11.20 -10.67
N SER C 57 24.73 -10.47 -10.75
CA SER C 57 24.97 -9.49 -11.80
C SER C 57 24.80 -10.05 -13.22
N ASP C 58 24.94 -11.37 -13.33
CA ASP C 58 24.73 -12.04 -14.62
C ASP C 58 23.28 -11.96 -15.11
N GLY C 59 22.33 -11.89 -14.18
CA GLY C 59 20.93 -11.85 -14.54
C GLY C 59 20.05 -12.71 -13.65
N GLY C 60 18.74 -12.68 -13.93
CA GLY C 60 17.77 -13.49 -13.21
C GLY C 60 17.35 -14.66 -14.09
N ILE C 61 16.46 -14.37 -15.03
CA ILE C 61 16.09 -15.32 -16.07
C ILE C 61 16.68 -14.81 -17.38
N ILE C 62 17.41 -15.69 -18.08
CA ILE C 62 17.96 -15.38 -19.39
C ILE C 62 17.30 -16.21 -20.49
N LEU C 63 16.61 -15.54 -21.40
CA LEU C 63 16.01 -16.21 -22.53
C LEU C 63 17.09 -16.27 -23.58
N ASN C 64 17.45 -17.46 -24.07
CA ASN C 64 18.62 -17.53 -24.93
C ASN C 64 18.54 -18.60 -26.00
N ASN C 65 17.34 -18.76 -26.60
CA ASN C 65 17.16 -19.65 -27.76
C ASN C 65 18.03 -19.24 -28.94
N ARG C 66 18.56 -20.24 -29.65
CA ARG C 66 19.38 -20.00 -30.81
C ARG C 66 18.60 -20.04 -32.12
N GLY C 67 17.50 -20.78 -32.15
CA GLY C 67 16.73 -20.96 -33.37
C GLY C 67 15.84 -19.80 -33.76
N GLY C 68 15.88 -19.41 -35.03
CA GLY C 68 15.06 -18.33 -35.55
C GLY C 68 13.56 -18.51 -35.37
N SER C 69 13.09 -19.76 -35.36
CA SER C 69 11.65 -19.99 -35.26
C SER C 69 11.18 -20.31 -33.85
N ALA C 70 12.13 -20.42 -32.91
CA ALA C 70 11.77 -20.70 -31.54
C ALA C 70 11.25 -19.43 -30.88
N LYS C 71 10.16 -19.56 -30.13
CA LYS C 71 9.55 -18.42 -29.45
C LYS C 71 9.39 -18.72 -27.97
N ILE C 72 9.83 -17.81 -27.11
CA ILE C 72 9.53 -17.95 -25.70
C ILE C 72 8.50 -16.92 -25.30
N ASP C 73 7.39 -17.39 -24.76
CA ASP C 73 6.37 -16.54 -24.19
C ASP C 73 6.38 -16.77 -22.68
N LEU C 74 6.85 -15.76 -21.92
CA LEU C 74 6.99 -15.85 -20.48
C LEU C 74 6.09 -14.86 -19.75
N THR C 75 5.20 -15.38 -18.91
CA THR C 75 4.33 -14.52 -18.10
C THR C 75 4.65 -14.69 -16.62
N ILE C 76 4.76 -13.58 -15.90
CA ILE C 76 4.87 -13.61 -14.46
C ILE C 76 3.72 -12.83 -13.87
N GLU C 77 2.98 -13.46 -12.94
CA GLU C 77 1.80 -12.87 -12.33
C GLU C 77 1.92 -12.75 -10.83
N ASN C 78 1.48 -11.63 -10.28
CA ASN C 78 1.26 -11.52 -8.83
C ASN C 78 2.52 -11.89 -8.06
N ALA C 79 3.61 -11.21 -8.39
CA ALA C 79 4.90 -11.44 -7.76
C ALA C 79 5.64 -10.15 -7.59
N THR C 80 6.58 -10.14 -6.67
CA THR C 80 7.52 -9.03 -6.55
C THR C 80 8.86 -9.51 -7.08
N LEU C 81 9.46 -8.73 -7.97
CA LEU C 81 10.72 -9.12 -8.61
C LEU C 81 11.83 -8.14 -8.31
N TYR C 82 12.98 -8.65 -7.86
CA TYR C 82 14.15 -7.81 -7.59
C TYR C 82 15.28 -8.23 -8.50
N ASN C 83 16.10 -7.30 -8.99
CA ASN C 83 17.30 -7.71 -9.72
C ASN C 83 18.40 -6.66 -9.59
N THR C 84 19.65 -7.14 -9.57
CA THR C 84 20.80 -6.25 -9.49
C THR C 84 21.48 -6.13 -10.84
N SER C 85 21.22 -7.10 -11.72
CA SER C 85 21.84 -7.17 -13.03
C SER C 85 21.49 -6.00 -13.96
N LYS C 86 22.47 -5.47 -14.68
CA LYS C 86 22.18 -4.47 -15.68
C LYS C 86 21.37 -5.04 -16.85
N TYR C 87 21.26 -6.38 -16.91
CA TYR C 87 20.49 -7.00 -17.98
C TYR C 87 19.09 -7.43 -17.53
N GLY C 88 18.61 -6.87 -16.43
CA GLY C 88 17.22 -7.05 -16.04
C GLY C 88 16.95 -8.33 -15.27
N PHE C 89 15.76 -8.38 -14.66
CA PHE C 89 15.30 -9.63 -14.09
C PHE C 89 15.13 -10.65 -15.22
N VAL C 90 14.49 -10.20 -16.30
CA VAL C 90 14.46 -10.96 -17.53
C VAL C 90 15.34 -10.30 -18.59
N ASN C 91 16.20 -11.14 -19.16
CA ASN C 91 17.13 -10.79 -20.21
C ASN C 91 16.66 -11.50 -21.46
N MET C 92 16.12 -10.73 -22.39
CA MET C 92 15.48 -11.25 -23.58
C MET C 92 16.51 -11.39 -24.69
N SER C 93 17.31 -12.45 -24.62
CA SER C 93 18.45 -12.60 -25.53
C SER C 93 18.31 -13.73 -26.57
N SER C 94 17.10 -14.20 -26.85
CA SER C 94 16.97 -15.21 -27.93
C SER C 94 17.27 -14.61 -29.30
N ASN C 95 17.70 -15.45 -30.24
CA ASN C 95 17.85 -14.97 -31.61
C ASN C 95 16.50 -14.71 -32.24
N GLY C 96 15.49 -15.43 -31.77
CA GLY C 96 14.15 -15.27 -32.30
C GLY C 96 13.27 -14.42 -31.41
N VAL C 97 11.99 -14.77 -31.36
CA VAL C 97 11.00 -13.98 -30.65
C VAL C 97 10.98 -14.26 -29.13
N ASP C 98 11.07 -13.19 -28.33
CA ASP C 98 10.84 -13.28 -26.88
C ASP C 98 9.70 -12.34 -26.51
N THR C 99 8.74 -12.85 -25.76
CA THR C 99 7.66 -12.01 -25.25
C THR C 99 7.55 -12.20 -23.75
N VAL C 100 7.57 -11.10 -23.02
CA VAL C 100 7.48 -11.12 -21.58
C VAL C 100 6.25 -10.35 -21.15
N THR C 101 5.47 -10.91 -20.25
CA THR C 101 4.28 -10.28 -19.72
C THR C 101 4.38 -10.22 -18.21
N TYR C 102 4.25 -9.02 -17.68
CA TYR C 102 4.15 -8.79 -16.25
C TYR C 102 2.72 -8.46 -15.93
N LYS C 103 2.08 -9.27 -15.09
CA LYS C 103 0.70 -8.98 -14.68
C LYS C 103 0.62 -8.85 -13.15
N ASP C 104 0.16 -7.71 -12.65
CA ASP C 104 0.13 -7.45 -11.21
C ASP C 104 1.49 -7.71 -10.58
N VAL C 105 2.53 -7.16 -11.19
CA VAL C 105 3.88 -7.33 -10.71
C VAL C 105 4.41 -6.03 -10.09
N THR C 106 5.18 -6.17 -9.02
CA THR C 106 5.97 -5.05 -8.50
C THR C 106 7.43 -5.41 -8.70
N ALA C 107 8.20 -4.49 -9.28
CA ALA C 107 9.59 -4.83 -9.58
C ALA C 107 10.53 -3.73 -9.10
N TYR C 108 11.70 -4.15 -8.64
CA TYR C 108 12.80 -3.26 -8.21
C TYR C 108 14.07 -3.70 -8.89
N GLY C 109 14.81 -2.74 -9.42
CA GLY C 109 16.06 -3.05 -10.09
C GLY C 109 16.66 -1.77 -10.64
N GLY C 110 17.81 -1.87 -11.26
CA GLY C 110 18.36 -0.71 -11.95
C GLY C 110 17.73 -0.66 -13.34
N THR C 111 18.21 -1.54 -14.19
CA THR C 111 17.55 -1.88 -15.44
C THR C 111 16.69 -3.10 -15.13
N LEU C 112 15.38 -3.02 -15.39
CA LEU C 112 14.45 -4.06 -14.95
C LEU C 112 14.23 -5.17 -15.97
N VAL C 113 14.28 -4.81 -17.25
CA VAL C 113 14.10 -5.75 -18.34
C VAL C 113 15.04 -5.30 -19.44
N TRP C 114 15.73 -6.25 -20.06
CA TRP C 114 16.71 -5.89 -21.09
C TRP C 114 16.55 -6.84 -22.27
N SER C 115 16.96 -6.43 -23.45
CA SER C 115 16.83 -7.31 -24.61
C SER C 115 17.94 -7.09 -25.62
N LYS C 116 18.22 -8.12 -26.42
CA LYS C 116 19.06 -7.99 -27.62
C LYS C 116 18.35 -7.17 -28.69
N THR C 117 19.08 -6.24 -29.30
CA THR C 117 18.42 -5.31 -30.22
C THR C 117 18.62 -5.59 -31.72
N GLY C 118 19.35 -6.63 -32.06
CA GLY C 118 19.60 -6.91 -33.46
C GLY C 118 19.13 -8.29 -33.85
N ALA C 119 18.03 -8.74 -33.26
CA ALA C 119 17.54 -10.11 -33.48
C ALA C 119 16.02 -10.11 -33.67
N GLY C 120 15.35 -11.12 -33.14
CA GLY C 120 13.91 -11.26 -33.33
C GLY C 120 13.12 -10.23 -32.53
N VAL C 121 11.81 -10.25 -32.68
CA VAL C 121 10.93 -9.27 -32.05
C VAL C 121 10.88 -9.43 -30.52
N LYS C 122 11.17 -8.33 -29.81
CA LYS C 122 11.16 -8.30 -28.35
C LYS C 122 10.00 -7.46 -27.83
N THR C 123 9.13 -8.09 -27.05
CA THR C 123 7.92 -7.46 -26.56
C THR C 123 7.82 -7.60 -25.05
N LEU C 124 7.48 -6.49 -24.40
CA LEU C 124 7.16 -6.48 -23.00
C LEU C 124 5.72 -5.99 -22.79
N ASN C 125 4.87 -6.82 -22.20
CA ASN C 125 3.50 -6.45 -21.87
C ASN C 125 3.36 -6.18 -20.38
N LEU C 126 2.71 -5.08 -20.04
CA LEU C 126 2.52 -4.66 -18.66
C LEU C 126 1.03 -4.61 -18.40
N VAL C 127 0.57 -5.46 -17.48
CA VAL C 127 -0.86 -5.75 -17.31
C VAL C 127 -1.27 -5.56 -15.85
N GLY C 128 -2.54 -5.19 -15.62
CA GLY C 128 -3.04 -5.01 -14.27
C GLY C 128 -2.34 -3.94 -13.46
N ASN C 129 -2.21 -4.16 -12.16
CA ASN C 129 -1.61 -3.18 -11.27
C ASN C 129 -0.13 -3.44 -11.20
N THR C 130 0.61 -2.81 -12.10
CA THR C 130 2.04 -3.14 -12.21
C THR C 130 2.87 -1.91 -11.94
N THR C 131 3.84 -2.08 -11.06
CA THR C 131 4.68 -0.97 -10.64
C THR C 131 6.12 -1.34 -10.83
N LEU C 132 6.82 -0.52 -11.60
CA LEU C 132 8.23 -0.77 -11.90
C LEU C 132 9.06 0.30 -11.21
N ASN C 133 10.07 -0.12 -10.46
CA ASN C 133 10.87 0.83 -9.69
C ASN C 133 12.32 0.71 -10.10
N SER C 134 12.84 1.74 -10.75
CA SER C 134 14.25 1.79 -11.07
C SER C 134 14.94 2.51 -9.91
N VAL C 135 15.71 1.75 -9.14
CA VAL C 135 16.33 2.22 -7.90
C VAL C 135 17.82 1.87 -7.89
N LYS C 136 18.57 2.58 -7.05
CA LYS C 136 20.02 2.37 -6.95
C LYS C 136 20.33 1.22 -6.00
N SER C 137 19.39 0.87 -5.14
CA SER C 137 19.55 -0.28 -4.26
C SER C 137 18.20 -0.71 -3.73
N TYR C 138 18.12 -1.92 -3.18
CA TYR C 138 16.88 -2.36 -2.55
C TYR C 138 17.23 -3.18 -1.33
N GLU C 139 16.24 -3.45 -0.51
CA GLU C 139 16.47 -4.16 0.73
C GLU C 139 15.59 -5.38 0.78
N VAL C 140 16.21 -6.52 1.06
CA VAL C 140 15.51 -7.77 1.32
C VAL C 140 16.14 -8.35 2.58
N ASP C 141 15.31 -8.75 3.53
CA ASP C 141 15.74 -9.16 4.87
C ASP C 141 16.77 -8.24 5.54
N GLY C 142 16.51 -6.94 5.52
CA GLY C 142 17.43 -6.00 6.14
C GLY C 142 18.77 -5.91 5.40
N GLN C 143 18.92 -6.67 4.30
CA GLN C 143 20.14 -6.69 3.49
C GLN C 143 19.96 -5.78 2.32
N SER C 144 20.91 -4.88 2.18
CA SER C 144 20.94 -3.98 1.08
C SER C 144 21.69 -4.55 -0.12
N CYS C 145 21.12 -4.38 -1.31
CA CYS C 145 21.76 -4.82 -2.56
C CYS C 145 21.83 -3.62 -3.51
N GLY C 146 23.03 -3.33 -4.00
CA GLY C 146 23.22 -2.30 -5.00
C GLY C 146 22.86 -2.84 -6.37
N THR C 147 22.28 -2.00 -7.21
CA THR C 147 21.88 -2.41 -8.56
C THR C 147 22.87 -1.88 -9.57
N GLU C 148 22.88 -2.48 -10.75
CA GLU C 148 23.58 -1.91 -11.89
C GLU C 148 22.59 -1.55 -12.99
N ALA C 149 22.99 -0.63 -13.84
CA ALA C 149 22.10 -0.15 -14.90
C ALA C 149 22.79 -0.29 -16.25
N PHE C 150 22.04 -0.72 -17.25
CA PHE C 150 22.55 -0.77 -18.59
C PHE C 150 22.70 0.64 -19.15
N SER C 151 23.87 0.84 -19.76
CA SER C 151 24.28 2.09 -20.36
C SER C 151 24.55 1.88 -21.84
N HIS C 152 24.21 2.87 -22.65
CA HIS C 152 24.40 2.77 -24.09
C HIS C 152 24.67 4.15 -24.67
N ARG C 153 25.51 4.23 -25.70
CA ARG C 153 25.87 5.53 -26.27
C ARG C 153 24.72 6.19 -27.04
N THR C 154 24.70 7.53 -27.00
CA THR C 154 23.81 8.35 -27.81
C THR C 154 24.62 9.55 -28.29
N PRO C 155 24.12 10.32 -29.27
CA PRO C 155 24.81 11.55 -29.68
C PRO C 155 24.97 12.59 -28.58
N ASP C 156 24.21 12.46 -27.49
CA ASP C 156 24.37 13.36 -26.35
C ASP C 156 25.00 12.67 -25.15
N GLY C 157 25.81 11.65 -25.39
CA GLY C 157 26.46 10.93 -24.30
C GLY C 157 25.80 9.63 -23.88
N ASP C 158 26.48 8.89 -23.01
CA ASP C 158 26.00 7.59 -22.56
C ASP C 158 24.77 7.78 -21.71
N LYS C 159 23.77 6.93 -21.90
CA LYS C 159 22.57 7.03 -21.09
C LYS C 159 22.23 5.66 -20.51
N THR C 160 21.66 5.67 -19.31
CA THR C 160 21.19 4.43 -18.69
C THR C 160 19.69 4.35 -18.84
N THR C 161 19.13 3.16 -18.69
CA THR C 161 17.67 3.08 -18.82
C THR C 161 17.05 2.06 -17.87
N ALA C 162 15.80 2.29 -17.47
CA ALA C 162 15.08 1.36 -16.62
C ALA C 162 14.59 0.14 -17.42
N LEU C 163 14.28 0.38 -18.69
CA LEU C 163 13.75 -0.67 -19.56
C LEU C 163 14.40 -0.56 -20.94
N TYR C 164 15.01 -1.64 -21.42
CA TYR C 164 15.65 -1.64 -22.73
C TYR C 164 15.01 -2.75 -23.57
N VAL C 165 13.86 -2.45 -24.16
CA VAL C 165 13.09 -3.47 -24.86
C VAL C 165 12.99 -3.03 -26.31
N SER C 166 13.48 -3.87 -27.21
CA SER C 166 13.75 -3.44 -28.58
C SER C 166 12.52 -2.99 -29.34
N ASN C 167 11.46 -3.80 -29.34
CA ASN C 167 10.37 -3.56 -30.29
C ASN C 167 9.05 -3.07 -29.72
N ALA C 168 8.63 -3.57 -28.57
CA ALA C 168 7.32 -3.13 -28.10
C ALA C 168 7.19 -3.13 -26.60
N ILE C 169 6.67 -2.04 -26.06
CA ILE C 169 6.22 -2.05 -24.69
C ILE C 169 4.74 -1.68 -24.71
N ASN C 170 3.91 -2.61 -24.24
CA ASN C 170 2.46 -2.44 -24.26
C ASN C 170 1.88 -2.33 -22.88
N ILE C 171 1.19 -1.23 -22.61
CA ILE C 171 0.41 -1.11 -21.38
C ILE C 171 -0.96 -1.62 -21.76
N ALA C 172 -1.35 -2.76 -21.19
CA ALA C 172 -2.56 -3.43 -21.64
C ALA C 172 -3.82 -2.62 -21.35
N GLU C 173 -4.89 -2.93 -22.09
CA GLU C 173 -6.21 -2.41 -21.79
C GLU C 173 -6.51 -2.57 -20.31
N ASN C 174 -7.07 -1.52 -19.70
CA ASN C 174 -7.42 -1.47 -18.27
C ASN C 174 -6.27 -1.52 -17.29
N ALA C 175 -5.03 -1.50 -17.77
CA ALA C 175 -3.90 -1.61 -16.84
C ALA C 175 -3.67 -0.32 -16.05
N ASN C 176 -2.98 -0.49 -14.91
CA ASN C 176 -2.56 0.61 -14.06
C ASN C 176 -1.05 0.49 -13.85
N VAL C 177 -0.31 1.12 -14.75
CA VAL C 177 1.13 0.98 -14.76
C VAL C 177 1.81 2.23 -14.25
N VAL C 178 2.75 2.01 -13.34
CA VAL C 178 3.51 3.12 -12.78
C VAL C 178 4.98 2.79 -12.93
N LEU C 179 5.77 3.75 -13.39
CA LEU C 179 7.21 3.54 -13.37
C LEU C 179 7.82 4.67 -12.56
N ASN C 180 8.49 4.31 -11.47
CA ASN C 180 9.15 5.25 -10.57
C ASN C 180 10.63 5.13 -10.83
N ASN C 181 11.27 6.23 -11.19
CA ASN C 181 12.68 6.13 -11.55
C ASN C 181 13.51 7.05 -10.67
N SER C 182 14.40 6.48 -9.88
CA SER C 182 15.34 7.30 -9.11
C SER C 182 16.76 6.83 -9.38
N ALA C 183 16.99 6.22 -10.54
CA ALA C 183 18.29 5.59 -10.75
C ALA C 183 18.85 5.72 -12.15
N THR C 184 17.99 5.86 -13.16
CA THR C 184 18.48 5.83 -14.53
C THR C 184 17.99 7.03 -15.34
N ASP C 185 18.63 7.28 -16.48
CA ASP C 185 18.37 8.47 -17.29
C ASP C 185 17.09 8.45 -18.11
N ILE C 186 16.65 7.24 -18.45
CA ILE C 186 15.55 7.03 -19.38
C ILE C 186 14.60 6.02 -18.77
N ASP C 187 13.29 6.26 -18.85
CA ASP C 187 12.35 5.29 -18.29
C ASP C 187 12.16 4.10 -19.25
N MET C 188 11.98 4.38 -20.54
CA MET C 188 11.79 3.35 -21.55
C MET C 188 12.64 3.63 -22.76
N TRP C 189 13.54 2.71 -23.10
CA TRP C 189 14.37 2.88 -24.30
C TRP C 189 14.16 1.71 -25.26
N LEU C 190 13.57 2.00 -26.42
CA LEU C 190 13.29 1.00 -27.44
C LEU C 190 14.16 1.29 -28.63
N LEU C 191 15.08 0.39 -28.92
CA LEU C 191 16.05 0.63 -29.97
C LEU C 191 16.14 -0.61 -30.85
N THR C 192 16.21 -0.41 -32.15
CA THR C 192 16.52 -1.53 -33.05
C THR C 192 17.84 -1.24 -33.78
N ALA C 193 18.50 -2.31 -34.22
CA ALA C 193 19.75 -2.18 -34.95
C ALA C 193 19.58 -2.90 -36.29
N VAL C 194 20.48 -2.64 -37.23
CA VAL C 194 20.31 -3.09 -38.61
C VAL C 194 19.91 -4.55 -38.80
N PRO C 195 20.54 -5.49 -38.07
CA PRO C 195 20.02 -6.81 -38.42
C PRO C 195 18.74 -7.25 -37.66
N SER C 196 18.05 -6.31 -37.01
CA SER C 196 16.75 -6.61 -36.39
C SER C 196 15.79 -7.21 -37.41
N THR C 197 14.97 -8.18 -37.02
CA THR C 197 14.03 -8.72 -37.98
C THR C 197 12.94 -7.68 -38.25
N SER C 198 12.73 -6.82 -37.26
CA SER C 198 11.74 -5.76 -37.32
C SER C 198 12.39 -4.43 -36.94
N GLY C 199 12.33 -3.44 -37.82
CA GLY C 199 12.95 -2.17 -37.51
C GLY C 199 11.98 -1.23 -36.79
N ILE C 200 10.99 -1.82 -36.13
CA ILE C 200 9.90 -1.06 -35.56
C ILE C 200 9.92 -1.04 -34.03
N SER C 201 9.74 0.15 -33.46
CA SER C 201 9.69 0.33 -32.02
C SER C 201 8.40 1.03 -31.61
N THR C 202 7.64 0.44 -30.70
CA THR C 202 6.31 0.94 -30.38
C THR C 202 6.02 0.92 -28.88
N VAL C 203 5.50 2.02 -28.35
CA VAL C 203 4.91 2.00 -27.01
C VAL C 203 3.40 2.22 -27.16
N THR C 204 2.61 1.34 -26.58
CA THR C 204 1.15 1.52 -26.62
C THR C 204 0.53 1.61 -25.24
N VAL C 205 -0.51 2.42 -25.11
CA VAL C 205 -1.26 2.48 -23.87
C VAL C 205 -2.68 2.10 -24.25
N GLY C 206 -3.17 0.99 -23.69
CA GLY C 206 -4.41 0.40 -24.16
C GLY C 206 -5.65 1.16 -23.73
N ASN C 207 -6.80 0.75 -24.25
CA ASN C 207 -8.08 1.33 -23.87
C ASN C 207 -8.26 1.40 -22.36
N ASN C 208 -8.66 2.56 -21.87
CA ASN C 208 -9.01 2.73 -20.46
C ASN C 208 -7.88 2.39 -19.51
N ALA C 209 -6.65 2.45 -20.00
CA ALA C 209 -5.49 2.14 -19.19
C ALA C 209 -4.89 3.41 -18.60
N SER C 210 -3.99 3.23 -17.65
CA SER C 210 -3.27 4.35 -17.09
C SER C 210 -1.77 4.08 -17.10
N LEU C 211 -1.00 5.10 -17.50
CA LEU C 211 0.45 5.04 -17.46
C LEU C 211 0.98 6.29 -16.79
N THR C 212 1.70 6.09 -15.69
CA THR C 212 2.24 7.20 -14.92
C THR C 212 3.77 7.08 -14.80
N MET C 213 4.48 8.10 -15.28
CA MET C 213 5.94 8.13 -15.24
C MET C 213 6.33 9.53 -14.81
N GLU C 214 6.07 9.87 -13.56
CA GLU C 214 6.32 11.21 -13.09
C GLU C 214 7.68 11.27 -12.46
N ASN C 215 8.69 11.51 -13.28
CA ASN C 215 10.07 11.33 -12.88
C ASN C 215 10.90 12.57 -13.17
N ILE C 216 10.25 13.72 -13.08
CA ILE C 216 10.90 14.98 -13.41
C ILE C 216 12.10 15.25 -12.49
N GLY C 217 12.09 14.65 -11.30
CA GLY C 217 13.21 14.78 -10.38
C GLY C 217 14.47 14.02 -10.78
N ASN C 218 14.35 13.15 -11.78
CA ASN C 218 15.42 12.17 -12.04
C ASN C 218 15.72 11.91 -13.51
N THR C 219 14.64 11.66 -14.26
CA THR C 219 14.74 11.14 -15.61
C THR C 219 14.98 12.24 -16.65
N GLU C 220 15.84 11.97 -17.64
CA GLU C 220 16.01 12.92 -18.74
C GLU C 220 14.97 12.76 -19.83
N TYR C 221 14.73 11.53 -20.28
CA TYR C 221 13.67 11.24 -21.25
C TYR C 221 12.75 10.14 -20.73
N ASN C 222 11.44 10.35 -20.77
CA ASN C 222 10.58 9.25 -20.36
C ASN C 222 10.66 8.10 -21.34
N ILE C 223 10.51 8.42 -22.62
CA ILE C 223 10.48 7.41 -23.67
C ILE C 223 11.44 7.80 -24.78
N LYS C 224 12.40 6.94 -25.06
CA LYS C 224 13.30 7.20 -26.16
C LYS C 224 13.06 6.13 -27.22
N LEU C 225 12.71 6.56 -28.42
CA LEU C 225 12.33 5.65 -29.50
C LEU C 225 13.40 5.69 -30.59
N ASP C 226 14.04 4.55 -30.80
CA ASP C 226 15.14 4.44 -31.74
C ASP C 226 14.94 3.27 -32.70
N GLY C 227 13.70 3.12 -33.17
CA GLY C 227 13.43 2.17 -34.23
C GLY C 227 14.07 2.64 -35.51
N GLY C 228 14.72 1.73 -36.23
CA GLY C 228 15.37 2.06 -37.48
C GLY C 228 14.43 2.42 -38.62
N ARG C 229 13.22 1.86 -38.62
CA ARG C 229 12.26 2.13 -39.69
C ARG C 229 11.02 2.87 -39.20
N GLU C 230 10.52 2.50 -38.02
CA GLU C 230 9.30 3.13 -37.50
C GLU C 230 9.36 3.29 -36.00
N ASN C 231 8.72 4.36 -35.51
CA ASN C 231 8.62 4.65 -34.10
C ASN C 231 7.19 5.08 -33.79
N HIS C 232 6.56 4.43 -32.81
CA HIS C 232 5.15 4.71 -32.52
C HIS C 232 4.94 4.95 -31.04
N PHE C 233 4.12 5.96 -30.73
CA PHE C 233 3.59 6.11 -29.38
C PHE C 233 2.08 6.27 -29.53
N ILE C 234 1.35 5.23 -29.10
CA ILE C 234 -0.09 5.15 -29.36
C ILE C 234 -0.83 5.16 -28.04
N VAL C 235 -1.69 6.15 -27.84
CA VAL C 235 -2.50 6.24 -26.64
C VAL C 235 -3.97 6.07 -26.99
N ASN C 236 -4.56 4.97 -26.53
CA ASN C 236 -5.92 4.64 -26.93
C ASN C 236 -7.03 5.36 -26.16
N GLU C 237 -8.27 5.10 -26.55
CA GLU C 237 -9.45 5.78 -26.03
C GLU C 237 -9.53 5.77 -24.51
N ASN C 238 -9.79 6.94 -23.95
CA ASN C 238 -9.98 7.13 -22.52
C ASN C 238 -8.78 6.77 -21.66
N ALA C 239 -7.62 6.55 -22.27
CA ALA C 239 -6.41 6.28 -21.48
C ALA C 239 -5.92 7.52 -20.76
N ALA C 240 -5.30 7.32 -19.61
CA ALA C 240 -4.76 8.42 -18.82
C ALA C 240 -3.25 8.27 -18.77
N VAL C 241 -2.55 9.27 -19.28
CA VAL C 241 -1.11 9.22 -19.30
C VAL C 241 -0.57 10.46 -18.60
N LYS C 242 0.33 10.26 -17.67
CA LYS C 242 0.92 11.42 -17.03
C LYS C 242 2.40 11.16 -16.89
N MET C 243 3.21 11.97 -17.56
CA MET C 243 4.65 11.80 -17.55
C MET C 243 5.35 13.12 -17.33
N SER C 244 6.50 13.05 -16.67
CA SER C 244 7.35 14.23 -16.52
C SER C 244 8.79 13.80 -16.51
N ALA C 245 9.64 14.66 -17.06
CA ALA C 245 11.05 14.39 -17.20
C ALA C 245 11.79 15.72 -17.27
N LYS C 246 13.10 15.68 -17.08
CA LYS C 246 13.87 16.91 -17.15
C LYS C 246 13.95 17.47 -18.56
N VAL C 247 14.22 16.61 -19.55
CA VAL C 247 14.49 17.09 -20.89
C VAL C 247 13.32 16.91 -21.85
N ASP C 248 13.02 15.66 -22.23
CA ASP C 248 11.92 15.39 -23.16
C ASP C 248 11.01 14.29 -22.63
N ASN C 249 9.73 14.32 -22.99
CA ASN C 249 8.90 13.19 -22.62
C ASN C 249 9.03 12.05 -23.62
N VAL C 250 8.97 12.37 -24.91
CA VAL C 250 9.19 11.37 -25.96
C VAL C 250 10.23 11.93 -26.90
N ARG C 251 11.27 11.15 -27.12
CA ARG C 251 12.36 11.56 -27.96
C ARG C 251 12.54 10.62 -29.14
N ILE C 252 12.46 11.19 -30.33
CA ILE C 252 12.72 10.44 -31.56
C ILE C 252 13.81 11.16 -32.35
N ILE C 253 15.07 10.77 -32.12
CA ILE C 253 16.22 11.34 -32.81
C ILE C 253 17.13 10.19 -33.22
N PRO C 254 17.41 10.03 -34.52
CA PRO C 254 18.19 8.88 -34.96
C PRO C 254 19.56 8.82 -34.28
N GLN C 255 19.98 7.62 -33.92
CA GLN C 255 21.24 7.40 -33.24
C GLN C 255 22.44 7.66 -34.15
N LEU C 256 22.23 7.54 -35.46
CA LEU C 256 23.30 7.65 -36.44
C LEU C 256 22.82 8.45 -37.64
N GLU C 257 23.77 8.98 -38.40
CA GLU C 257 23.47 9.83 -39.55
C GLU C 257 22.91 9.11 -40.78
N ASN C 258 23.11 7.80 -40.86
CA ASN C 258 22.60 7.04 -42.00
C ASN C 258 21.23 6.42 -41.74
N ILE C 259 20.47 7.01 -40.82
CA ILE C 259 19.16 6.47 -40.48
C ILE C 259 18.02 7.39 -40.90
N PHE C 260 17.16 6.86 -41.77
CA PHE C 260 15.98 7.58 -42.28
C PHE C 260 14.73 6.86 -41.78
N THR C 261 14.09 7.42 -40.76
CA THR C 261 13.05 6.67 -40.08
C THR C 261 11.75 7.47 -39.99
N ARG C 262 10.74 6.88 -39.39
CA ARG C 262 9.44 7.53 -39.27
C ARG C 262 9.03 7.57 -37.82
N GLY C 263 8.17 8.53 -37.51
CA GLY C 263 7.63 8.66 -36.18
C GLY C 263 6.15 8.88 -36.31
N ASN C 264 5.39 8.30 -35.38
CA ASN C 264 3.95 8.36 -35.39
C ASN C 264 3.45 8.38 -33.97
N ILE C 265 2.75 9.45 -33.60
CA ILE C 265 2.18 9.56 -32.29
C ILE C 265 0.68 9.78 -32.44
N GLU C 266 -0.11 8.94 -31.78
CA GLU C 266 -1.56 9.05 -31.91
C GLU C 266 -2.23 9.10 -30.54
N LEU C 267 -3.01 10.14 -30.30
CA LEU C 267 -3.66 10.33 -29.01
C LEU C 267 -5.18 10.30 -29.22
N ALA C 268 -5.84 9.22 -28.77
CA ALA C 268 -7.23 8.94 -29.15
C ALA C 268 -8.25 9.79 -28.42
N LYS C 269 -9.44 9.88 -28.98
CA LYS C 269 -10.52 10.60 -28.32
C LYS C 269 -10.77 10.03 -26.92
N GLY C 270 -11.05 10.93 -25.98
CA GLY C 270 -11.29 10.53 -24.61
C GLY C 270 -10.00 10.41 -23.80
N SER C 271 -8.85 10.28 -24.48
CA SER C 271 -7.59 10.16 -23.74
C SER C 271 -7.28 11.48 -23.02
N ASN C 272 -6.49 11.37 -21.97
CA ASN C 272 -6.13 12.50 -21.14
C ASN C 272 -4.63 12.42 -20.92
N VAL C 273 -3.88 13.22 -21.66
CA VAL C 273 -2.43 13.12 -21.67
C VAL C 273 -1.85 14.38 -21.08
N HIS C 274 -1.04 14.23 -20.02
CA HIS C 274 -0.44 15.37 -19.36
C HIS C 274 1.07 15.16 -19.31
N LEU C 275 1.82 16.09 -19.90
CA LEU C 275 3.26 15.93 -20.11
C LEU C 275 3.99 17.16 -19.59
N GLU C 276 5.11 16.96 -18.92
CA GLU C 276 5.84 18.10 -18.41
C GLU C 276 7.33 17.90 -18.53
N VAL C 277 8.01 18.95 -18.97
CA VAL C 277 9.48 18.96 -19.02
C VAL C 277 10.04 20.25 -18.45
N ILE C 278 11.35 20.31 -18.33
CA ILE C 278 12.02 21.50 -17.86
C ILE C 278 12.81 22.16 -18.99
N THR C 279 13.74 21.45 -19.61
CA THR C 279 14.65 22.12 -20.54
C THR C 279 14.53 21.74 -22.02
N GLY C 280 13.78 20.69 -22.34
CA GLY C 280 13.67 20.28 -23.73
C GLY C 280 12.26 20.46 -24.29
N SER C 281 11.76 19.44 -24.98
CA SER C 281 10.44 19.49 -25.61
C SER C 281 9.64 18.29 -25.18
N ASN C 282 8.33 18.44 -25.04
CA ASN C 282 7.51 17.30 -24.63
C ASN C 282 7.63 16.18 -25.67
N PHE C 283 7.43 16.54 -26.93
CA PHE C 283 7.71 15.61 -28.02
C PHE C 283 8.91 16.12 -28.78
N ARG C 284 10.04 15.46 -28.65
CA ARG C 284 11.27 15.95 -29.26
C ARG C 284 11.59 15.08 -30.47
N VAL C 285 11.41 15.66 -31.66
CA VAL C 285 11.68 14.93 -32.89
C VAL C 285 12.60 15.76 -33.77
N ALA C 286 13.72 15.18 -34.18
CA ALA C 286 14.68 15.94 -34.96
C ALA C 286 15.53 15.02 -35.81
N GLY C 287 16.15 15.57 -36.85
CA GLY C 287 16.94 14.75 -37.75
C GLY C 287 16.06 14.21 -38.85
N THR C 288 16.52 13.18 -39.56
CA THR C 288 15.77 12.69 -40.70
C THR C 288 14.70 11.70 -40.24
N VAL C 289 13.69 12.26 -39.59
CA VAL C 289 12.51 11.54 -39.16
C VAL C 289 11.32 12.21 -39.82
N ALA C 290 10.51 11.43 -40.54
CA ALA C 290 9.22 11.91 -41.02
C ALA C 290 8.23 11.63 -39.91
N ASN C 291 7.72 12.70 -39.29
CA ASN C 291 6.91 12.52 -38.09
C ASN C 291 5.50 13.05 -38.25
N ARG C 292 4.58 12.40 -37.55
CA ARG C 292 3.19 12.82 -37.56
C ARG C 292 2.61 12.61 -36.17
N ILE C 293 1.95 13.64 -35.65
CA ILE C 293 1.31 13.55 -34.35
C ILE C 293 -0.18 13.88 -34.50
N ASP C 294 -1.04 12.96 -34.12
CA ASP C 294 -2.48 13.17 -34.18
C ASP C 294 -3.04 13.38 -32.79
N PHE C 295 -3.65 14.54 -32.57
CA PHE C 295 -4.31 14.89 -31.30
C PHE C 295 -5.82 14.76 -31.42
N ASN C 296 -6.40 13.73 -30.82
CA ASN C 296 -7.85 13.56 -30.89
C ASN C 296 -8.53 13.60 -29.54
N GLY C 297 -7.73 13.69 -28.48
CA GLY C 297 -8.28 13.69 -27.13
C GLY C 297 -7.97 15.00 -26.43
N THR C 298 -7.61 14.91 -25.16
CA THR C 298 -7.18 16.08 -24.42
C THR C 298 -5.69 15.93 -24.12
N ALA C 299 -4.88 16.92 -24.48
CA ALA C 299 -3.47 16.84 -24.11
C ALA C 299 -3.05 18.20 -23.55
N THR C 300 -2.20 18.14 -22.52
CA THR C 300 -1.63 19.33 -21.89
C THR C 300 -0.13 19.16 -21.88
N LEU C 301 0.58 20.07 -22.52
CA LEU C 301 2.04 19.96 -22.61
C LEU C 301 2.66 21.17 -21.91
N ILE C 302 3.47 20.92 -20.90
CA ILE C 302 4.00 21.95 -20.03
C ILE C 302 5.51 21.98 -20.14
N LYS C 303 6.05 23.17 -20.19
CA LYS C 303 7.48 23.39 -20.01
C LYS C 303 7.62 24.30 -18.80
N GLN C 304 8.31 23.83 -17.75
CA GLN C 304 8.53 24.64 -16.56
C GLN C 304 9.59 25.70 -16.74
N GLU C 305 9.44 26.77 -15.97
CA GLU C 305 10.47 27.79 -15.80
C GLU C 305 10.15 28.48 -14.48
N GLY C 306 10.80 28.02 -13.42
CA GLY C 306 10.63 28.56 -12.08
C GLY C 306 10.52 30.07 -11.98
N ALA C 307 11.48 30.77 -12.56
CA ALA C 307 11.52 32.23 -12.41
C ALA C 307 10.35 32.93 -13.11
N SER C 308 9.68 32.23 -14.02
CA SER C 308 8.53 32.82 -14.71
C SER C 308 7.23 32.57 -13.95
N GLY C 309 7.33 31.85 -12.83
CA GLY C 309 6.14 31.58 -12.04
C GLY C 309 5.60 30.20 -12.37
N PRO C 310 4.64 29.70 -11.58
CA PRO C 310 4.12 28.33 -11.73
C PRO C 310 3.28 28.15 -12.98
#